data_4P4R
#
_entry.id   4P4R
#
_cell.length_a   77.250
_cell.length_b   102.440
_cell.length_c   120.878
_cell.angle_alpha   90.00
_cell.angle_beta   90.00
_cell.angle_gamma   90.00
#
_symmetry.space_group_name_H-M   'P 21 21 21'
#
loop_
_entity.id
_entity.type
_entity.pdbx_description
1 polymer 'HLA class II histocompatibility antigen, DP alpha 1 chain'
2 polymer 'mim2 peptide,HLA class II histocompatibility antigen, DP beta 1 chain'
3 non-polymer 2-acetamido-2-deoxy-beta-D-glucopyranose
4 water water
#
loop_
_entity_poly.entity_id
_entity_poly.type
_entity_poly.pdbx_seq_one_letter_code
_entity_poly.pdbx_strand_id
1 'polypeptide(L)'
;IKADHVSTYAAFVQTHRPTGEFMFEFDEDEMFYVDLDKKETVWHLEEFGQAFSFEAQGGLANIAILNNNLNTLIQRSNHT
QATNDPPEVTVFPKEPVELGQPNTLICHIDKFFPPVLNVTWLCNGELVTEGVAESLFLPRTDYSFHKFHYLTFVPSAEDF
YDCRVEHWGLDQPLLKHWEAQEP
;
A,C
2 'polypeptide(L)'
;QAFWIDLFETIGGGSLVPRGSGGGGSPENYLFQGRQECYAFNGTQRFLERYIYNREEFVRFDSDVGEFRAVTELGRPDEE
YWNSQKDILEEERAVPDRMCRHNYELGGPMTLQRRVQPRVNVSPSKKGPLQHHNLLVCHVTDFYPGSIQVRWFLNGQEET
AGVVSTNLIRNGDWTFQILVMLEMTPQQGDVYTCQVEHTSLDSPVTVEWKAQ
;
B,D
#
loop_
_chem_comp.id
_chem_comp.type
_chem_comp.name
_chem_comp.formula
NAG D-saccharide, beta linking 2-acetamido-2-deoxy-beta-D-glucopyranose 'C8 H15 N O6'
#
# COMPACT_ATOMS: atom_id res chain seq x y z
N LYS A 2 1.15 -0.84 -22.20
CA LYS A 2 1.86 0.30 -22.78
C LYS A 2 0.89 1.21 -23.55
N ALA A 3 0.61 2.44 -23.03
CA ALA A 3 -0.34 3.37 -23.66
C ALA A 3 -0.12 4.85 -23.39
N ASP A 4 -0.55 5.71 -24.35
CA ASP A 4 -0.51 7.17 -24.28
C ASP A 4 -1.59 7.62 -23.29
N HIS A 5 -2.76 6.95 -23.37
CA HIS A 5 -3.95 7.19 -22.54
C HIS A 5 -4.72 5.91 -22.29
N VAL A 6 -5.33 5.80 -21.09
CA VAL A 6 -6.14 4.63 -20.69
C VAL A 6 -7.58 5.04 -20.37
N SER A 7 -8.50 4.65 -21.28
CA SER A 7 -9.94 4.90 -21.16
C SER A 7 -10.58 3.59 -20.67
N THR A 8 -11.26 3.66 -19.50
CA THR A 8 -11.84 2.46 -18.87
C THR A 8 -13.19 2.61 -18.17
N TYR A 9 -14.02 1.53 -18.35
CA TYR A 9 -15.34 1.35 -17.72
C TYR A 9 -15.08 0.40 -16.60
N ALA A 10 -15.45 0.80 -15.39
CA ALA A 10 -15.25 -0.03 -14.23
C ALA A 10 -16.54 -0.04 -13.45
N ALA A 11 -17.07 -1.24 -13.27
CA ALA A 11 -18.31 -1.46 -12.54
C ALA A 11 -18.18 -2.60 -11.54
N PHE A 12 -18.74 -2.38 -10.36
CA PHE A 12 -18.74 -3.39 -9.31
C PHE A 12 -20.14 -3.61 -8.80
N VAL A 13 -20.34 -4.78 -8.19
CA VAL A 13 -21.59 -5.27 -7.61
C VAL A 13 -21.16 -6.03 -6.35
N GLN A 14 -21.82 -5.74 -5.21
CA GLN A 14 -21.52 -6.42 -3.93
C GLN A 14 -22.75 -6.56 -3.02
N THR A 15 -22.63 -7.39 -1.95
CA THR A 15 -23.75 -7.59 -1.04
C THR A 15 -24.10 -6.33 -0.22
N HIS A 16 -23.12 -5.72 0.49
CA HIS A 16 -23.35 -4.51 1.29
C HIS A 16 -23.40 -3.21 0.50
N ARG A 17 -23.76 -2.12 1.13
CA ARG A 17 -23.92 -0.90 0.37
C ARG A 17 -22.62 -0.15 0.22
N PRO A 18 -22.30 0.40 -0.95
CA PRO A 18 -23.10 0.45 -2.19
C PRO A 18 -23.20 -0.92 -2.82
N THR A 19 -24.43 -1.35 -3.10
CA THR A 19 -24.74 -2.64 -3.68
C THR A 19 -24.26 -2.80 -5.12
N GLY A 20 -24.07 -1.68 -5.81
CA GLY A 20 -23.59 -1.61 -7.18
C GLY A 20 -23.04 -0.24 -7.54
N GLU A 21 -22.14 -0.19 -8.55
CA GLU A 21 -21.52 1.05 -9.02
C GLU A 21 -21.07 0.90 -10.48
N PHE A 22 -21.29 1.92 -11.32
CA PHE A 22 -20.87 1.88 -12.73
C PHE A 22 -20.27 3.24 -13.14
N MET A 23 -19.05 3.25 -13.67
CA MET A 23 -18.39 4.50 -14.05
C MET A 23 -17.38 4.41 -15.20
N PHE A 24 -17.05 5.60 -15.76
CA PHE A 24 -16.06 5.72 -16.81
C PHE A 24 -14.98 6.68 -16.36
N GLU A 25 -13.73 6.18 -16.47
CA GLU A 25 -12.54 6.93 -16.10
C GLU A 25 -11.53 7.01 -17.22
N PHE A 26 -10.91 8.18 -17.32
CA PHE A 26 -9.88 8.48 -18.30
C PHE A 26 -8.61 8.88 -17.54
N ASP A 27 -7.56 8.06 -17.68
CA ASP A 27 -6.25 8.24 -17.04
C ASP A 27 -6.39 8.35 -15.51
N GLU A 28 -7.09 7.37 -14.91
CA GLU A 28 -7.40 7.22 -13.49
C GLU A 28 -8.35 8.27 -12.88
N ASP A 29 -8.84 9.24 -13.70
CA ASP A 29 -9.80 10.27 -13.26
C ASP A 29 -11.18 9.94 -13.81
N GLU A 30 -12.16 9.75 -12.89
CA GLU A 30 -13.55 9.41 -13.18
C GLU A 30 -14.27 10.56 -13.94
N MET A 31 -14.63 10.30 -15.21
CA MET A 31 -15.30 11.24 -16.13
C MET A 31 -16.79 11.36 -15.88
N PHE A 32 -17.46 10.21 -15.74
CA PHE A 32 -18.89 10.08 -15.51
C PHE A 32 -19.24 8.73 -14.83
N TYR A 33 -20.48 8.67 -14.29
CA TYR A 33 -21.10 7.51 -13.65
C TYR A 33 -22.63 7.54 -13.84
N VAL A 34 -23.29 6.37 -13.70
CA VAL A 34 -24.75 6.20 -13.83
C VAL A 34 -25.29 6.07 -12.39
N ASP A 35 -26.09 7.05 -11.92
CA ASP A 35 -26.71 6.97 -10.59
C ASP A 35 -27.74 5.86 -10.76
N LEU A 36 -27.52 4.72 -10.09
CA LEU A 36 -28.39 3.55 -10.29
C LEU A 36 -29.77 3.67 -9.65
N ASP A 37 -29.91 4.58 -8.65
CA ASP A 37 -31.15 4.85 -7.93
C ASP A 37 -31.97 5.91 -8.66
N LYS A 38 -31.31 7.01 -9.11
CA LYS A 38 -31.94 8.09 -9.84
C LYS A 38 -32.11 7.72 -11.31
N LYS A 39 -31.43 6.63 -11.80
CA LYS A 39 -31.41 6.10 -13.19
C LYS A 39 -30.98 7.21 -14.17
N GLU A 40 -30.03 8.07 -13.73
CA GLU A 40 -29.51 9.22 -14.48
C GLU A 40 -27.97 9.25 -14.55
N THR A 41 -27.40 9.68 -15.71
CA THR A 41 -25.95 9.83 -15.91
C THR A 41 -25.51 11.15 -15.24
N VAL A 42 -24.46 11.07 -14.40
CA VAL A 42 -23.83 12.18 -13.66
C VAL A 42 -22.42 12.36 -14.21
N TRP A 43 -22.07 13.58 -14.63
CA TRP A 43 -20.76 13.89 -15.20
C TRP A 43 -19.92 14.59 -14.15
N HIS A 44 -18.62 14.26 -14.07
CA HIS A 44 -17.70 14.85 -13.10
C HIS A 44 -17.53 16.36 -13.24
N LEU A 45 -17.48 16.85 -14.49
CA LEU A 45 -17.33 18.28 -14.80
C LEU A 45 -18.49 18.85 -15.64
N GLU A 46 -18.73 20.18 -15.50
CA GLU A 46 -19.79 20.92 -16.20
C GLU A 46 -19.70 20.76 -17.72
N GLU A 47 -18.51 21.02 -18.28
CA GLU A 47 -18.15 20.92 -19.70
C GLU A 47 -18.35 19.52 -20.31
N PHE A 48 -18.22 18.47 -19.47
CA PHE A 48 -18.38 17.06 -19.87
C PHE A 48 -19.81 16.82 -20.37
N GLY A 49 -20.79 16.92 -19.47
CA GLY A 49 -22.22 16.77 -19.75
C GLY A 49 -22.79 17.71 -20.78
N GLN A 50 -22.08 18.84 -21.02
CA GLN A 50 -22.42 19.89 -21.98
C GLN A 50 -22.07 19.47 -23.40
N ALA A 51 -20.95 18.76 -23.59
CA ALA A 51 -20.50 18.30 -24.91
C ALA A 51 -20.84 16.83 -25.17
N PHE A 52 -21.03 16.05 -24.09
CA PHE A 52 -21.31 14.64 -24.21
C PHE A 52 -22.59 14.16 -23.56
N SER A 53 -23.10 13.06 -24.11
CA SER A 53 -24.30 12.35 -23.68
C SER A 53 -23.97 10.87 -23.46
N PHE A 54 -24.73 10.22 -22.56
CA PHE A 54 -24.58 8.81 -22.23
C PHE A 54 -25.93 8.22 -21.81
N GLU A 55 -26.20 6.98 -22.31
CA GLU A 55 -27.42 6.22 -22.05
C GLU A 55 -27.29 5.38 -20.80
N ALA A 56 -27.98 5.80 -19.72
CA ALA A 56 -27.97 5.13 -18.41
C ALA A 56 -28.40 3.65 -18.46
N GLN A 57 -29.08 3.20 -19.54
CA GLN A 57 -29.50 1.80 -19.72
C GLN A 57 -28.29 0.86 -19.83
N GLY A 58 -27.17 1.36 -20.38
CA GLY A 58 -25.92 0.61 -20.48
C GLY A 58 -25.28 0.36 -19.14
N GLY A 59 -25.43 1.35 -18.24
CA GLY A 59 -24.93 1.31 -16.87
C GLY A 59 -25.67 0.23 -16.11
N LEU A 60 -27.00 0.40 -15.99
CA LEU A 60 -27.90 -0.55 -15.33
C LEU A 60 -27.76 -1.99 -15.89
N ALA A 61 -27.79 -2.17 -17.25
CA ALA A 61 -27.71 -3.49 -17.90
C ALA A 61 -26.45 -4.25 -17.52
N ASN A 62 -25.31 -3.53 -17.42
CA ASN A 62 -24.05 -4.14 -17.01
C ASN A 62 -24.11 -4.55 -15.54
N ILE A 63 -24.80 -3.73 -14.69
CA ILE A 63 -25.03 -4.03 -13.27
C ILE A 63 -25.89 -5.32 -13.16
N ALA A 64 -26.85 -5.53 -14.06
CA ALA A 64 -27.70 -6.73 -14.10
C ALA A 64 -26.88 -7.94 -14.46
N ILE A 65 -25.95 -7.79 -15.45
CA ILE A 65 -25.09 -8.90 -15.90
C ILE A 65 -24.17 -9.27 -14.75
N LEU A 66 -23.53 -8.26 -14.14
CA LEU A 66 -22.60 -8.39 -13.01
C LEU A 66 -23.25 -9.02 -11.78
N ASN A 67 -24.56 -8.74 -11.53
CA ASN A 67 -25.30 -9.30 -10.38
C ASN A 67 -25.42 -10.79 -10.54
N ASN A 68 -25.67 -11.25 -11.79
CA ASN A 68 -25.79 -12.66 -12.13
C ASN A 68 -24.44 -13.32 -11.91
N ASN A 69 -23.38 -12.70 -12.46
CA ASN A 69 -22.02 -13.19 -12.38
C ASN A 69 -21.55 -13.40 -10.94
N LEU A 70 -21.93 -12.48 -10.01
CA LEU A 70 -21.64 -12.56 -8.57
C LEU A 70 -22.25 -13.83 -7.98
N ASN A 71 -23.56 -14.09 -8.23
CA ASN A 71 -24.31 -15.27 -7.76
C ASN A 71 -23.61 -16.57 -8.18
N THR A 72 -23.19 -16.64 -9.46
CA THR A 72 -22.51 -17.79 -10.03
C THR A 72 -21.17 -18.02 -9.33
N LEU A 73 -20.47 -16.92 -8.97
CA LEU A 73 -19.16 -17.04 -8.31
C LEU A 73 -19.17 -17.27 -6.83
N ILE A 74 -20.22 -16.82 -6.13
CA ILE A 74 -20.41 -17.10 -4.71
C ILE A 74 -20.53 -18.64 -4.60
N GLN A 75 -21.25 -19.25 -5.57
CA GLN A 75 -21.46 -20.67 -5.68
C GLN A 75 -20.15 -21.38 -6.04
N ARG A 76 -19.53 -21.00 -7.19
CA ARG A 76 -18.27 -21.58 -7.71
C ARG A 76 -17.14 -21.59 -6.68
N SER A 77 -17.03 -20.51 -5.89
CA SER A 77 -16.00 -20.33 -4.86
C SER A 77 -16.35 -20.91 -3.47
N ASN A 78 -17.41 -21.75 -3.35
CA ASN A 78 -17.83 -22.33 -2.07
C ASN A 78 -17.97 -21.18 -1.00
N HIS A 79 -18.64 -20.06 -1.37
CA HIS A 79 -18.86 -18.89 -0.52
C HIS A 79 -17.58 -18.24 0.04
N THR A 80 -16.60 -17.95 -0.85
CA THR A 80 -15.32 -17.32 -0.48
C THR A 80 -15.48 -15.82 -0.22
N GLN A 81 -15.25 -15.41 1.03
CA GLN A 81 -15.30 -14.00 1.42
C GLN A 81 -13.87 -13.51 1.53
N ALA A 82 -13.57 -12.42 0.83
CA ALA A 82 -12.23 -11.84 0.81
C ALA A 82 -11.86 -11.18 2.11
N THR A 83 -10.58 -11.27 2.46
CA THR A 83 -10.04 -10.68 3.67
C THR A 83 -10.09 -9.14 3.57
N ASN A 84 -10.54 -8.50 4.67
CA ASN A 84 -10.68 -7.06 4.83
C ASN A 84 -9.33 -6.36 4.80
N ASP A 85 -9.13 -5.48 3.81
CA ASP A 85 -7.93 -4.70 3.62
C ASP A 85 -8.18 -3.32 4.21
N PRO A 86 -7.54 -3.02 5.37
CA PRO A 86 -7.74 -1.70 6.00
C PRO A 86 -7.26 -0.52 5.14
N PRO A 87 -7.91 0.66 5.24
CA PRO A 87 -7.45 1.79 4.43
C PRO A 87 -6.24 2.57 4.97
N GLU A 88 -5.65 3.39 4.10
CA GLU A 88 -4.51 4.25 4.33
C GLU A 88 -5.08 5.66 4.10
N VAL A 89 -5.20 6.43 5.20
CA VAL A 89 -5.76 7.78 5.16
C VAL A 89 -4.70 8.90 5.17
N THR A 90 -4.93 9.92 4.31
CA THR A 90 -4.09 11.10 4.18
C THR A 90 -4.98 12.34 4.07
N VAL A 91 -4.62 13.39 4.81
CA VAL A 91 -5.36 14.65 4.82
C VAL A 91 -4.34 15.70 4.36
N PHE A 92 -4.74 16.55 3.40
CA PHE A 92 -3.92 17.60 2.80
C PHE A 92 -4.79 18.69 2.19
N PRO A 93 -4.37 20.00 2.22
CA PRO A 93 -5.21 21.04 1.60
C PRO A 93 -5.07 21.04 0.07
N LYS A 94 -6.07 21.60 -0.63
CA LYS A 94 -6.06 21.69 -2.09
C LYS A 94 -5.04 22.70 -2.57
N GLU A 95 -5.13 23.96 -2.06
CA GLU A 95 -4.24 25.08 -2.36
C GLU A 95 -3.31 25.38 -1.19
N PRO A 96 -2.15 26.10 -1.38
CA PRO A 96 -1.27 26.38 -0.24
C PRO A 96 -1.98 27.25 0.77
N VAL A 97 -1.96 26.77 2.02
CA VAL A 97 -2.61 27.37 3.19
C VAL A 97 -2.13 28.77 3.53
N GLU A 98 -3.10 29.71 3.55
CA GLU A 98 -2.89 31.12 3.87
C GLU A 98 -4.03 31.53 4.79
N LEU A 99 -3.71 31.77 6.10
CA LEU A 99 -4.65 32.13 7.17
C LEU A 99 -5.68 33.14 6.70
N GLY A 100 -6.94 32.77 6.83
CA GLY A 100 -8.10 33.58 6.42
C GLY A 100 -8.54 33.46 4.97
N GLN A 101 -7.68 32.87 4.10
CA GLN A 101 -7.99 32.70 2.67
C GLN A 101 -8.70 31.33 2.45
N PRO A 102 -10.01 31.31 2.02
CA PRO A 102 -10.73 30.03 1.83
C PRO A 102 -10.02 29.01 0.94
N ASN A 103 -10.01 27.77 1.42
CA ASN A 103 -9.36 26.61 0.81
C ASN A 103 -10.27 25.37 0.91
N THR A 104 -9.77 24.21 0.43
CA THR A 104 -10.47 22.92 0.44
C THR A 104 -9.57 21.88 1.12
N LEU A 105 -10.12 21.10 2.06
CA LEU A 105 -9.37 20.04 2.71
C LEU A 105 -9.70 18.70 2.03
N ILE A 106 -8.68 18.02 1.45
CA ILE A 106 -8.88 16.74 0.77
C ILE A 106 -8.50 15.58 1.69
N CYS A 107 -9.39 14.59 1.81
CA CYS A 107 -9.16 13.36 2.57
C CYS A 107 -9.10 12.16 1.63
N HIS A 108 -7.91 11.62 1.46
CA HIS A 108 -7.69 10.48 0.60
C HIS A 108 -7.68 9.17 1.36
N ILE A 109 -8.77 8.41 1.22
CA ILE A 109 -8.95 7.11 1.83
C ILE A 109 -8.49 6.17 0.73
N ASP A 110 -7.44 5.35 1.00
CA ASP A 110 -6.81 4.49 -0.03
C ASP A 110 -6.42 3.09 0.38
N LYS A 111 -6.33 2.18 -0.62
CA LYS A 111 -5.84 0.80 -0.54
C LYS A 111 -6.63 -0.15 0.33
N PHE A 112 -7.98 -0.02 0.25
CA PHE A 112 -8.94 -0.83 1.00
C PHE A 112 -9.85 -1.75 0.14
N PHE A 113 -10.40 -2.75 0.82
CA PHE A 113 -11.34 -3.73 0.31
C PHE A 113 -12.08 -4.35 1.51
N PRO A 114 -13.43 -4.46 1.49
CA PRO A 114 -14.37 -4.10 0.43
C PRO A 114 -14.74 -2.62 0.34
N PRO A 115 -15.38 -2.16 -0.77
CA PRO A 115 -15.80 -0.76 -0.83
C PRO A 115 -17.11 -0.56 -0.01
N VAL A 116 -16.96 -0.69 1.33
CA VAL A 116 -17.97 -0.51 2.39
C VAL A 116 -17.19 0.38 3.36
N LEU A 117 -17.61 1.65 3.49
CA LEU A 117 -16.90 2.63 4.31
C LEU A 117 -17.82 3.75 4.81
N ASN A 118 -17.45 4.33 5.96
CA ASN A 118 -18.13 5.45 6.59
C ASN A 118 -17.08 6.55 6.75
N VAL A 119 -17.34 7.76 6.21
CA VAL A 119 -16.39 8.88 6.29
C VAL A 119 -17.09 10.17 6.77
N THR A 120 -16.67 10.67 7.95
CA THR A 120 -17.18 11.92 8.52
C THR A 120 -16.05 12.86 8.84
N TRP A 121 -16.25 14.14 8.44
CA TRP A 121 -15.33 15.23 8.67
C TRP A 121 -15.59 15.76 10.07
N LEU A 122 -14.54 16.14 10.79
CA LEU A 122 -14.70 16.68 12.14
C LEU A 122 -13.92 17.96 12.37
N CYS A 123 -14.64 19.02 12.81
CA CYS A 123 -13.98 20.27 13.16
C CYS A 123 -14.11 20.49 14.66
N ASN A 124 -12.93 20.67 15.32
CA ASN A 124 -12.78 20.87 16.77
C ASN A 124 -13.57 19.88 17.67
N GLY A 125 -13.73 18.64 17.17
CA GLY A 125 -14.44 17.56 17.84
C GLY A 125 -15.85 17.30 17.37
N GLU A 126 -16.43 18.28 16.62
CA GLU A 126 -17.80 18.18 16.09
C GLU A 126 -17.95 18.03 14.59
N LEU A 127 -18.89 17.13 14.24
CA LEU A 127 -19.27 16.71 12.90
C LEU A 127 -19.69 17.87 12.00
N VAL A 128 -19.08 17.95 10.82
CA VAL A 128 -19.37 18.99 9.84
C VAL A 128 -20.05 18.41 8.59
N THR A 129 -21.34 18.76 8.40
CA THR A 129 -22.23 18.26 7.35
C THR A 129 -22.35 19.18 6.12
N GLU A 130 -22.08 20.49 6.25
CA GLU A 130 -22.19 21.42 5.12
C GLU A 130 -20.83 21.91 4.57
N GLY A 131 -20.79 22.11 3.25
CA GLY A 131 -19.57 22.51 2.54
C GLY A 131 -18.72 21.29 2.26
N VAL A 132 -19.39 20.11 2.26
CA VAL A 132 -18.88 18.76 2.11
C VAL A 132 -19.22 18.16 0.74
N ALA A 133 -18.23 17.50 0.13
CA ALA A 133 -18.32 16.78 -1.16
C ALA A 133 -17.59 15.42 -1.01
N GLU A 134 -17.68 14.53 -2.04
CA GLU A 134 -17.05 13.19 -2.04
C GLU A 134 -17.12 12.42 -3.36
N SER A 135 -16.10 11.58 -3.60
CA SER A 135 -15.96 10.71 -4.77
C SER A 135 -16.71 9.39 -4.60
N LEU A 136 -16.70 8.60 -5.68
CA LEU A 136 -17.27 7.27 -5.71
C LEU A 136 -16.17 6.33 -5.20
N PHE A 137 -16.53 5.06 -4.95
CA PHE A 137 -15.59 4.05 -4.53
C PHE A 137 -14.77 3.68 -5.79
N LEU A 138 -13.70 4.48 -6.05
CA LEU A 138 -12.82 4.38 -7.19
C LEU A 138 -12.07 3.06 -7.25
N PRO A 139 -12.22 2.30 -8.37
CA PRO A 139 -11.57 0.99 -8.46
C PRO A 139 -10.15 1.08 -8.95
N ARG A 140 -9.22 0.76 -8.04
CA ARG A 140 -7.79 0.74 -8.28
C ARG A 140 -7.48 -0.48 -9.19
N THR A 141 -6.43 -0.35 -10.01
CA THR A 141 -5.95 -1.40 -10.94
C THR A 141 -5.57 -2.69 -10.20
N ASP A 142 -5.31 -2.61 -8.87
CA ASP A 142 -4.94 -3.74 -8.00
C ASP A 142 -6.15 -4.40 -7.32
N TYR A 143 -7.36 -4.15 -7.87
CA TYR A 143 -8.69 -4.66 -7.47
C TYR A 143 -9.17 -4.28 -6.05
N SER A 144 -8.43 -3.34 -5.47
CA SER A 144 -8.62 -2.68 -4.18
C SER A 144 -9.39 -1.38 -4.51
N PHE A 145 -9.75 -0.58 -3.51
CA PHE A 145 -10.52 0.66 -3.68
C PHE A 145 -9.96 1.87 -2.97
N HIS A 146 -10.27 3.05 -3.50
CA HIS A 146 -9.92 4.34 -2.93
C HIS A 146 -11.08 5.34 -3.07
N LYS A 147 -11.06 6.41 -2.27
CA LYS A 147 -12.12 7.42 -2.24
C LYS A 147 -11.53 8.75 -1.78
N PHE A 148 -12.14 9.83 -2.23
CA PHE A 148 -11.78 11.20 -1.88
C PHE A 148 -12.95 11.82 -1.14
N HIS A 149 -12.65 12.63 -0.12
CA HIS A 149 -13.62 13.40 0.64
C HIS A 149 -13.09 14.81 0.66
N TYR A 150 -13.99 15.80 0.54
CA TYR A 150 -13.62 17.20 0.47
C TYR A 150 -14.41 18.06 1.44
N LEU A 151 -13.73 19.06 2.01
CA LEU A 151 -14.33 20.01 2.95
C LEU A 151 -13.83 21.42 2.69
N THR A 152 -14.76 22.33 2.36
CA THR A 152 -14.44 23.75 2.16
C THR A 152 -14.25 24.34 3.55
N PHE A 153 -13.05 24.88 3.78
CA PHE A 153 -12.65 25.45 5.07
C PHE A 153 -11.91 26.77 4.93
N VAL A 154 -11.89 27.55 6.02
CA VAL A 154 -11.17 28.81 6.08
C VAL A 154 -10.04 28.69 7.14
N PRO A 155 -8.76 28.59 6.69
CA PRO A 155 -7.64 28.38 7.63
C PRO A 155 -7.48 29.41 8.76
N SER A 156 -7.55 28.92 10.00
CA SER A 156 -7.44 29.67 11.27
C SER A 156 -6.56 28.87 12.25
N ALA A 157 -5.71 29.59 13.04
CA ALA A 157 -4.79 29.00 14.04
C ALA A 157 -5.47 28.21 15.16
N GLU A 158 -6.64 28.68 15.63
CA GLU A 158 -7.39 28.03 16.70
C GLU A 158 -8.43 26.99 16.19
N ASP A 159 -8.03 26.27 15.12
CA ASP A 159 -8.80 25.22 14.44
C ASP A 159 -7.99 23.97 14.14
N PHE A 160 -8.66 22.80 14.23
CA PHE A 160 -8.13 21.46 13.93
C PHE A 160 -9.12 20.57 13.21
N TYR A 161 -8.61 19.82 12.24
CA TYR A 161 -9.41 18.95 11.40
C TYR A 161 -9.13 17.48 11.51
N ASP A 162 -10.19 16.65 11.36
CA ASP A 162 -10.14 15.19 11.42
C ASP A 162 -10.98 14.48 10.37
N CYS A 163 -10.41 13.44 9.76
CA CYS A 163 -11.11 12.64 8.79
C CYS A 163 -11.33 11.32 9.49
N ARG A 164 -12.57 11.11 9.97
CA ARG A 164 -12.98 9.91 10.72
C ARG A 164 -13.51 8.82 9.78
N VAL A 165 -12.72 7.71 9.66
CA VAL A 165 -13.04 6.57 8.78
C VAL A 165 -13.43 5.27 9.51
N GLU A 166 -14.40 4.55 8.96
CA GLU A 166 -14.85 3.28 9.49
C GLU A 166 -14.77 2.21 8.40
N HIS A 167 -14.07 1.10 8.67
CA HIS A 167 -13.92 -0.01 7.73
C HIS A 167 -13.90 -1.31 8.53
N TRP A 168 -14.38 -2.44 7.93
CA TRP A 168 -14.42 -3.75 8.61
C TRP A 168 -13.06 -4.29 9.08
N GLY A 169 -12.00 -3.89 8.39
CA GLY A 169 -10.63 -4.28 8.72
C GLY A 169 -9.95 -3.28 9.63
N LEU A 170 -10.75 -2.54 10.42
CA LEU A 170 -10.33 -1.51 11.35
C LEU A 170 -11.04 -1.76 12.68
N ASP A 171 -10.24 -2.11 13.71
CA ASP A 171 -10.70 -2.45 15.07
C ASP A 171 -11.38 -1.28 15.80
N GLN A 172 -10.91 -0.06 15.52
CA GLN A 172 -11.43 1.20 16.09
C GLN A 172 -11.44 2.25 14.95
N PRO A 173 -12.46 3.15 14.90
CA PRO A 173 -12.50 4.17 13.82
C PRO A 173 -11.27 5.06 13.79
N LEU A 174 -10.62 5.06 12.64
CA LEU A 174 -9.41 5.82 12.40
C LEU A 174 -9.71 7.30 12.27
N LEU A 175 -8.94 8.09 13.05
CA LEU A 175 -8.95 9.55 13.07
C LEU A 175 -7.61 9.99 12.49
N LYS A 176 -7.67 10.80 11.43
CA LYS A 176 -6.49 11.32 10.78
C LYS A 176 -6.60 12.84 10.87
N HIS A 177 -5.79 13.41 11.81
CA HIS A 177 -5.70 14.79 12.23
C HIS A 177 -4.98 15.74 11.24
N TRP A 178 -5.35 17.05 11.30
CA TRP A 178 -4.80 18.15 10.49
C TRP A 178 -4.85 19.53 11.22
N GLU A 179 -3.85 20.42 10.94
CA GLU A 179 -3.59 21.79 11.44
C GLU A 179 -4.86 22.66 11.46
N GLN B 1 -21.75 13.06 -29.98
CA GLN B 1 -21.81 13.51 -28.60
C GLN B 1 -21.98 12.38 -27.58
N ALA B 2 -22.41 11.16 -28.01
CA ALA B 2 -22.66 10.00 -27.12
C ALA B 2 -21.58 8.92 -26.99
N PHE B 3 -21.29 8.52 -25.73
CA PHE B 3 -20.32 7.48 -25.40
C PHE B 3 -20.94 6.10 -25.60
N TRP B 4 -20.13 5.13 -26.03
CA TRP B 4 -20.57 3.75 -26.26
C TRP B 4 -20.13 2.77 -25.17
N ILE B 5 -20.92 1.69 -24.98
CA ILE B 5 -20.69 0.62 -24.00
C ILE B 5 -20.93 -0.74 -24.57
N ASP B 6 -19.95 -1.65 -24.39
CA ASP B 6 -20.12 -3.04 -24.76
C ASP B 6 -20.72 -3.64 -23.49
N LEU B 7 -21.50 -4.71 -23.62
CA LEU B 7 -22.10 -5.36 -22.46
C LEU B 7 -21.25 -6.57 -22.10
N PHE B 8 -20.92 -6.72 -20.80
CA PHE B 8 -20.12 -7.84 -20.28
C PHE B 8 -20.71 -9.17 -20.68
N GLU B 9 -19.92 -10.23 -20.73
CA GLU B 9 -20.45 -11.55 -21.07
C GLU B 9 -21.08 -12.18 -19.81
N THR B 10 -21.86 -13.25 -19.99
CA THR B 10 -22.57 -13.94 -18.90
C THR B 10 -21.87 -15.20 -18.40
N ILE B 11 -21.74 -15.30 -17.07
CA ILE B 11 -21.19 -16.45 -16.35
C ILE B 11 -22.35 -17.36 -15.81
N GLY B 12 -22.42 -18.66 -16.19
CA GLY B 12 -21.50 -19.48 -17.00
C GLY B 12 -21.10 -19.06 -18.40
N SER B 26 -16.95 -10.41 11.08
CA SER B 26 -17.15 -9.50 9.94
C SER B 26 -18.41 -9.88 9.09
N PRO B 27 -19.23 -8.88 8.64
CA PRO B 27 -20.44 -9.22 7.86
C PRO B 27 -20.18 -9.98 6.58
N GLU B 28 -21.17 -10.82 6.18
CA GLU B 28 -21.12 -11.65 4.97
C GLU B 28 -21.17 -10.71 3.77
N ASN B 29 -20.16 -10.77 2.90
CA ASN B 29 -20.05 -9.91 1.73
C ASN B 29 -19.23 -10.52 0.60
N TYR B 30 -19.80 -10.45 -0.61
CA TYR B 30 -19.18 -10.95 -1.83
C TYR B 30 -19.24 -9.87 -2.88
N LEU B 31 -18.16 -9.69 -3.66
CA LEU B 31 -18.07 -8.67 -4.71
C LEU B 31 -17.69 -9.25 -6.07
N PHE B 32 -18.20 -8.61 -7.15
CA PHE B 32 -17.87 -8.91 -8.53
C PHE B 32 -17.52 -7.60 -9.20
N GLN B 33 -16.41 -7.60 -9.92
CA GLN B 33 -15.96 -6.43 -10.63
C GLN B 33 -15.72 -6.72 -12.09
N GLY B 34 -16.20 -5.78 -12.90
CA GLY B 34 -16.08 -5.84 -14.35
C GLY B 34 -15.35 -4.62 -14.85
N ARG B 35 -14.37 -4.85 -15.76
CA ARG B 35 -13.57 -3.76 -16.32
C ARG B 35 -13.46 -3.84 -17.84
N GLN B 36 -13.69 -2.72 -18.51
CA GLN B 36 -13.63 -2.60 -19.96
C GLN B 36 -12.62 -1.48 -20.25
N GLU B 37 -11.36 -1.89 -20.40
CA GLU B 37 -10.23 -0.99 -20.61
C GLU B 37 -9.83 -0.91 -22.06
N CYS B 38 -9.58 0.34 -22.52
CA CYS B 38 -9.10 0.68 -23.85
C CYS B 38 -7.71 1.34 -23.69
N TYR B 39 -6.68 0.68 -24.25
CA TYR B 39 -5.28 1.11 -24.23
C TYR B 39 -4.91 1.75 -25.57
N ALA B 40 -4.97 3.11 -25.60
CA ALA B 40 -4.67 3.96 -26.75
C ALA B 40 -3.19 4.29 -26.80
N PHE B 41 -2.52 3.84 -27.87
CA PHE B 41 -1.09 4.06 -28.07
C PHE B 41 -0.75 4.08 -29.56
N ASN B 42 -0.08 5.17 -30.01
CA ASN B 42 0.37 5.44 -31.40
C ASN B 42 -0.66 5.08 -32.51
N GLY B 43 -1.87 5.59 -32.32
CA GLY B 43 -2.99 5.36 -33.24
C GLY B 43 -3.55 3.95 -33.20
N THR B 44 -3.26 3.19 -32.13
CA THR B 44 -3.70 1.81 -31.94
C THR B 44 -4.50 1.68 -30.65
N GLN B 45 -5.49 0.77 -30.65
CA GLN B 45 -6.33 0.48 -29.48
C GLN B 45 -6.26 -0.98 -29.09
N ARG B 46 -5.98 -1.23 -27.81
CA ARG B 46 -5.91 -2.58 -27.24
C ARG B 46 -7.04 -2.67 -26.21
N PHE B 47 -7.89 -3.69 -26.35
CA PHE B 47 -9.02 -3.88 -25.46
C PHE B 47 -8.85 -5.07 -24.49
N LEU B 48 -9.15 -4.82 -23.20
CA LEU B 48 -9.10 -5.82 -22.13
C LEU B 48 -10.38 -5.85 -21.33
N GLU B 49 -11.05 -7.03 -21.32
CA GLU B 49 -12.29 -7.23 -20.55
C GLU B 49 -11.96 -8.10 -19.33
N ARG B 50 -11.90 -7.45 -18.13
CA ARG B 50 -11.51 -8.11 -16.91
C ARG B 50 -12.68 -8.50 -16.02
N TYR B 51 -12.69 -9.78 -15.60
CA TYR B 51 -13.70 -10.40 -14.75
C TYR B 51 -13.02 -10.78 -13.44
N ILE B 52 -13.36 -10.05 -12.36
CA ILE B 52 -12.76 -10.17 -11.04
C ILE B 52 -13.80 -10.53 -9.98
N TYR B 53 -13.58 -11.62 -9.21
CA TYR B 53 -14.43 -11.99 -8.08
C TYR B 53 -13.62 -11.56 -6.86
N ASN B 54 -14.22 -10.68 -6.02
CA ASN B 54 -13.62 -10.04 -4.85
C ASN B 54 -12.37 -9.24 -5.35
N ARG B 55 -11.12 -9.73 -5.11
CA ARG B 55 -9.87 -9.09 -5.60
C ARG B 55 -9.14 -9.96 -6.66
N GLU B 56 -9.62 -11.19 -6.89
CA GLU B 56 -9.05 -12.15 -7.82
C GLU B 56 -9.62 -12.03 -9.22
N GLU B 57 -8.80 -11.57 -10.19
CA GLU B 57 -9.14 -11.52 -11.61
C GLU B 57 -9.00 -12.98 -12.02
N PHE B 58 -10.09 -13.59 -12.45
CA PHE B 58 -10.10 -15.01 -12.79
C PHE B 58 -10.15 -15.30 -14.28
N VAL B 59 -10.69 -14.39 -15.10
CA VAL B 59 -10.80 -14.59 -16.56
C VAL B 59 -10.72 -13.23 -17.31
N ARG B 60 -10.06 -13.23 -18.49
CA ARG B 60 -9.84 -12.00 -19.26
C ARG B 60 -9.77 -12.19 -20.79
N PHE B 61 -10.33 -11.20 -21.50
CA PHE B 61 -10.27 -11.09 -22.95
C PHE B 61 -9.25 -9.98 -23.30
N ASP B 62 -8.28 -10.31 -24.19
CA ASP B 62 -7.24 -9.38 -24.63
C ASP B 62 -7.22 -9.39 -26.17
N SER B 63 -7.39 -8.20 -26.80
CA SER B 63 -7.39 -8.02 -28.27
C SER B 63 -6.06 -8.47 -28.90
N ASP B 64 -4.97 -8.46 -28.10
CA ASP B 64 -3.63 -8.93 -28.46
C ASP B 64 -3.58 -10.44 -28.46
N VAL B 65 -4.45 -11.11 -27.65
CA VAL B 65 -4.54 -12.57 -27.57
C VAL B 65 -5.52 -13.05 -28.64
N GLY B 66 -6.65 -12.36 -28.72
CA GLY B 66 -7.72 -12.69 -29.66
C GLY B 66 -8.79 -13.56 -29.02
N GLU B 67 -8.46 -14.20 -27.88
CA GLU B 67 -9.40 -15.04 -27.12
C GLU B 67 -9.34 -14.88 -25.58
N PHE B 68 -10.29 -15.50 -24.91
CA PHE B 68 -10.42 -15.43 -23.46
C PHE B 68 -9.42 -16.33 -22.81
N ARG B 69 -8.88 -15.89 -21.68
CA ARG B 69 -7.84 -16.63 -20.96
C ARG B 69 -8.12 -16.61 -19.48
N ALA B 70 -8.12 -17.80 -18.85
CA ALA B 70 -8.31 -17.96 -17.40
C ALA B 70 -7.11 -17.35 -16.71
N VAL B 71 -7.31 -16.22 -16.01
CA VAL B 71 -6.23 -15.54 -15.30
C VAL B 71 -5.78 -16.40 -14.08
N THR B 72 -6.74 -17.08 -13.47
CA THR B 72 -6.54 -18.04 -12.40
C THR B 72 -7.46 -19.22 -12.73
N GLU B 73 -7.26 -20.39 -12.10
CA GLU B 73 -8.07 -21.60 -12.33
C GLU B 73 -9.61 -21.49 -12.14
N LEU B 74 -10.06 -20.43 -11.46
CA LEU B 74 -11.47 -20.12 -11.21
C LEU B 74 -12.17 -19.67 -12.53
N GLY B 75 -11.36 -19.21 -13.50
CA GLY B 75 -11.80 -18.76 -14.81
C GLY B 75 -11.75 -19.81 -15.89
N ARG B 76 -11.22 -21.01 -15.54
CA ARG B 76 -11.09 -22.17 -16.43
C ARG B 76 -12.43 -22.50 -17.14
N PRO B 77 -13.60 -22.66 -16.44
CA PRO B 77 -14.86 -22.96 -17.16
C PRO B 77 -15.25 -21.90 -18.20
N ASP B 78 -15.06 -20.61 -17.87
CA ASP B 78 -15.42 -19.44 -18.68
C ASP B 78 -14.57 -19.31 -19.95
N GLU B 79 -13.25 -19.59 -19.83
CA GLU B 79 -12.29 -19.56 -20.92
C GLU B 79 -12.77 -20.63 -21.92
N GLU B 80 -12.97 -21.86 -21.43
CA GLU B 80 -13.43 -23.04 -22.16
C GLU B 80 -14.76 -22.82 -22.89
N TYR B 81 -15.77 -22.27 -22.18
CA TYR B 81 -17.08 -22.00 -22.77
C TYR B 81 -17.10 -20.83 -23.73
N TRP B 82 -16.72 -19.62 -23.28
CA TRP B 82 -16.76 -18.42 -24.11
C TRP B 82 -16.06 -18.59 -25.44
N ASN B 83 -14.86 -19.18 -25.42
CA ASN B 83 -14.07 -19.46 -26.62
C ASN B 83 -14.79 -20.42 -27.61
N SER B 84 -15.74 -21.27 -27.12
CA SER B 84 -16.52 -22.19 -27.96
C SER B 84 -17.61 -21.45 -28.79
N GLN B 85 -18.03 -20.24 -28.33
CA GLN B 85 -19.04 -19.43 -29.02
C GLN B 85 -18.35 -18.46 -29.99
N LYS B 86 -18.55 -18.69 -31.31
CA LYS B 86 -17.99 -17.87 -32.40
C LYS B 86 -18.42 -16.41 -32.31
N ASP B 87 -19.69 -16.15 -31.89
CA ASP B 87 -20.32 -14.83 -31.74
C ASP B 87 -19.65 -13.95 -30.69
N ILE B 88 -19.48 -14.48 -29.45
CA ILE B 88 -18.85 -13.81 -28.31
C ILE B 88 -17.45 -13.36 -28.70
N LEU B 89 -16.67 -14.27 -29.31
CA LEU B 89 -15.31 -14.06 -29.76
C LEU B 89 -15.20 -12.93 -30.80
N GLU B 90 -16.06 -12.94 -31.84
CA GLU B 90 -16.09 -11.91 -32.90
C GLU B 90 -16.56 -10.57 -32.39
N GLU B 91 -17.53 -10.58 -31.43
CA GLU B 91 -18.08 -9.41 -30.74
C GLU B 91 -16.96 -8.65 -29.99
N GLU B 92 -16.14 -9.43 -29.28
CA GLU B 92 -15.07 -8.92 -28.48
C GLU B 92 -13.94 -8.38 -29.31
N ARG B 93 -13.58 -9.12 -30.30
CA ARG B 93 -12.51 -8.77 -31.24
C ARG B 93 -12.80 -7.44 -31.94
N ALA B 94 -14.09 -7.13 -32.15
CA ALA B 94 -14.57 -5.92 -32.80
C ALA B 94 -14.33 -4.62 -32.02
N VAL B 95 -14.45 -4.70 -30.66
CA VAL B 95 -14.32 -3.64 -29.64
C VAL B 95 -13.21 -2.56 -29.86
N PRO B 96 -11.92 -2.91 -30.17
CA PRO B 96 -10.92 -1.84 -30.35
C PRO B 96 -11.27 -0.83 -31.44
N ASP B 97 -11.64 -1.32 -32.63
CA ASP B 97 -12.03 -0.46 -33.76
C ASP B 97 -13.42 0.10 -33.57
N ARG B 98 -14.19 -0.48 -32.65
CA ARG B 98 -15.56 -0.03 -32.38
C ARG B 98 -15.77 1.01 -31.27
N MET B 99 -15.60 0.62 -30.02
CA MET B 99 -16.15 1.36 -28.88
C MET B 99 -14.90 2.11 -28.45
N CYS B 100 -13.75 1.40 -28.35
CA CYS B 100 -12.47 1.99 -27.96
C CYS B 100 -12.08 3.18 -28.83
N ARG B 101 -12.23 3.05 -30.15
CA ARG B 101 -11.93 4.12 -31.11
C ARG B 101 -12.92 5.30 -31.03
N HIS B 102 -14.24 5.01 -31.07
CA HIS B 102 -15.30 6.04 -31.04
C HIS B 102 -15.13 6.97 -29.85
N ASN B 103 -15.02 6.39 -28.64
CA ASN B 103 -14.87 7.08 -27.34
C ASN B 103 -13.59 7.94 -27.25
N TYR B 104 -12.48 7.44 -27.86
CA TYR B 104 -11.20 8.15 -27.94
C TYR B 104 -11.38 9.39 -28.80
N GLU B 105 -12.06 9.21 -29.95
CA GLU B 105 -12.39 10.24 -30.93
C GLU B 105 -13.32 11.28 -30.34
N LEU B 106 -14.22 10.88 -29.40
CA LEU B 106 -15.13 11.80 -28.71
C LEU B 106 -14.33 12.83 -27.90
N GLY B 107 -13.37 12.33 -27.12
CA GLY B 107 -12.51 13.18 -26.30
C GLY B 107 -11.52 13.94 -27.15
N GLY B 108 -11.93 15.13 -27.63
CA GLY B 108 -11.08 16.00 -28.43
C GLY B 108 -10.21 16.83 -27.52
N PRO B 109 -10.17 18.19 -27.63
CA PRO B 109 -9.36 18.98 -26.68
C PRO B 109 -10.03 19.10 -25.28
N MET B 110 -11.11 18.30 -25.05
CA MET B 110 -11.88 18.24 -23.80
C MET B 110 -11.19 17.32 -22.77
N THR B 111 -10.66 16.16 -23.22
CA THR B 111 -9.96 15.19 -22.39
C THR B 111 -8.60 14.80 -22.98
N LEU B 112 -8.52 14.46 -24.31
CA LEU B 112 -7.26 14.11 -24.99
C LEU B 112 -6.27 15.25 -24.96
N GLN B 113 -6.73 16.50 -25.16
CA GLN B 113 -5.86 17.66 -25.08
C GLN B 113 -6.39 18.69 -24.06
N ARG B 114 -6.58 18.24 -22.79
CA ARG B 114 -7.05 19.06 -21.66
C ARG B 114 -5.82 19.65 -20.95
N ARG B 115 -5.68 20.99 -20.98
CA ARG B 115 -4.56 21.69 -20.37
C ARG B 115 -4.96 22.72 -19.34
N VAL B 116 -4.40 22.59 -18.10
CA VAL B 116 -4.59 23.44 -16.92
C VAL B 116 -3.20 23.88 -16.37
N GLN B 117 -3.00 25.22 -16.28
CA GLN B 117 -1.76 25.86 -15.83
C GLN B 117 -1.51 25.74 -14.32
N PRO B 118 -0.25 25.49 -13.89
CA PRO B 118 0.00 25.31 -12.45
C PRO B 118 0.18 26.58 -11.65
N ARG B 119 -0.13 26.48 -10.35
CA ARG B 119 -0.03 27.55 -9.36
C ARG B 119 1.20 27.24 -8.49
N VAL B 120 2.27 28.02 -8.66
CA VAL B 120 3.54 27.84 -7.96
C VAL B 120 3.73 28.77 -6.77
N ASN B 121 4.01 28.21 -5.59
CA ASN B 121 4.25 28.96 -4.35
C ASN B 121 5.52 28.44 -3.69
N VAL B 122 6.48 29.35 -3.46
CA VAL B 122 7.77 29.05 -2.81
C VAL B 122 7.74 29.70 -1.43
N SER B 123 7.97 28.89 -0.38
CA SER B 123 7.94 29.31 1.01
C SER B 123 8.80 28.40 1.90
N PRO B 124 9.51 28.94 2.93
CA PRO B 124 10.30 28.05 3.80
C PRO B 124 9.37 27.25 4.73
N SER B 125 9.84 26.07 5.16
CA SER B 125 9.09 25.16 6.02
C SER B 125 8.81 25.73 7.40
N LYS B 126 9.85 26.22 8.08
CA LYS B 126 9.75 26.79 9.42
C LYS B 126 10.25 28.24 9.48
N LYS B 127 9.67 29.07 10.39
CA LYS B 127 10.07 30.47 10.58
C LYS B 127 11.25 30.52 11.56
N GLY B 128 12.38 31.08 11.10
CA GLY B 128 13.60 31.19 11.90
C GLY B 128 14.74 31.99 11.29
N PRO B 129 15.95 31.95 11.93
CA PRO B 129 17.10 32.72 11.41
C PRO B 129 17.76 32.18 10.15
N LEU B 130 18.41 33.09 9.38
CA LEU B 130 19.09 32.80 8.10
C LEU B 130 20.52 32.19 8.23
N GLN B 131 20.64 31.05 8.96
CA GLN B 131 21.90 30.30 9.19
C GLN B 131 21.67 28.80 9.43
N HIS B 132 20.60 28.44 10.17
CA HIS B 132 20.22 27.06 10.49
C HIS B 132 19.76 26.25 9.26
N HIS B 133 19.59 24.92 9.44
CA HIS B 133 19.08 23.99 8.41
C HIS B 133 17.57 24.19 8.23
N ASN B 134 17.12 24.24 6.98
CA ASN B 134 15.69 24.38 6.67
C ASN B 134 15.35 23.73 5.33
N LEU B 135 14.03 23.64 5.03
CA LEU B 135 13.49 23.06 3.80
C LEU B 135 12.74 24.12 3.01
N LEU B 136 13.09 24.28 1.73
CA LEU B 136 12.43 25.27 0.88
C LEU B 136 11.38 24.62 -0.01
N VAL B 137 10.11 24.73 0.41
CA VAL B 137 8.95 24.12 -0.24
C VAL B 137 8.48 24.86 -1.48
N CYS B 138 8.41 24.12 -2.60
CA CYS B 138 7.88 24.63 -3.85
C CYS B 138 6.57 23.88 -4.05
N HIS B 139 5.45 24.53 -3.70
CA HIS B 139 4.14 23.93 -3.80
C HIS B 139 3.44 24.25 -5.11
N VAL B 140 3.59 23.33 -6.07
CA VAL B 140 3.01 23.39 -7.41
C VAL B 140 1.66 22.68 -7.31
N THR B 141 0.58 23.44 -7.46
CA THR B 141 -0.81 23.00 -7.30
C THR B 141 -1.71 23.34 -8.51
N ASP B 142 -2.80 22.52 -8.72
CA ASP B 142 -3.85 22.62 -9.74
C ASP B 142 -3.39 22.61 -11.20
N PHE B 143 -3.01 21.43 -11.72
CA PHE B 143 -2.55 21.25 -13.11
C PHE B 143 -3.00 19.93 -13.75
N TYR B 144 -3.10 19.92 -15.09
CA TYR B 144 -3.48 18.76 -15.91
C TYR B 144 -2.87 18.90 -17.33
N PRO B 145 -2.19 17.87 -17.90
CA PRO B 145 -1.89 16.54 -17.35
C PRO B 145 -0.93 16.55 -16.15
N GLY B 146 -0.78 15.39 -15.52
CA GLY B 146 0.10 15.22 -14.36
C GLY B 146 1.60 15.25 -14.64
N SER B 147 1.99 15.03 -15.91
CA SER B 147 3.40 15.03 -16.36
C SER B 147 4.01 16.43 -16.12
N ILE B 148 4.92 16.54 -15.11
CA ILE B 148 5.55 17.79 -14.72
C ILE B 148 7.01 17.66 -14.27
N GLN B 149 7.80 18.72 -14.54
CA GLN B 149 9.22 18.85 -14.17
C GLN B 149 9.35 20.03 -13.23
N VAL B 150 10.06 19.80 -12.11
CA VAL B 150 10.33 20.79 -11.06
C VAL B 150 11.84 20.73 -10.77
N ARG B 151 12.56 21.83 -11.06
CA ARG B 151 14.00 21.95 -10.83
C ARG B 151 14.31 23.04 -9.80
N TRP B 152 15.35 22.79 -9.00
CA TRP B 152 15.79 23.71 -7.97
C TRP B 152 17.14 24.34 -8.31
N PHE B 153 17.22 25.69 -8.20
CA PHE B 153 18.42 26.46 -8.53
C PHE B 153 18.88 27.39 -7.40
N LEU B 154 20.17 27.31 -7.06
CA LEU B 154 20.79 28.19 -6.07
C LEU B 154 21.82 29.07 -6.77
N ASN B 155 21.57 30.41 -6.73
CA ASN B 155 22.37 31.48 -7.32
C ASN B 155 22.68 31.19 -8.82
N GLY B 156 21.66 30.72 -9.53
CA GLY B 156 21.73 30.39 -10.95
C GLY B 156 22.26 29.01 -11.29
N GLN B 157 22.82 28.28 -10.29
CA GLN B 157 23.34 26.91 -10.49
C GLN B 157 22.35 25.88 -9.91
N GLU B 158 21.98 24.85 -10.71
CA GLU B 158 21.02 23.80 -10.35
C GLU B 158 21.45 22.90 -9.18
N GLU B 159 20.53 22.74 -8.22
CA GLU B 159 20.71 21.88 -7.04
C GLU B 159 20.04 20.55 -7.37
N THR B 160 20.85 19.50 -7.51
CA THR B 160 20.41 18.15 -7.83
C THR B 160 20.17 17.37 -6.54
N ALA B 161 21.18 17.37 -5.64
CA ALA B 161 21.13 16.70 -4.35
C ALA B 161 20.36 17.54 -3.32
N GLY B 162 19.74 16.86 -2.35
CA GLY B 162 18.99 17.46 -1.26
C GLY B 162 17.52 17.70 -1.53
N VAL B 163 17.01 17.17 -2.65
CA VAL B 163 15.61 17.33 -3.07
C VAL B 163 14.70 16.21 -2.51
N VAL B 164 13.85 16.57 -1.55
CA VAL B 164 12.85 15.69 -0.94
C VAL B 164 11.50 16.01 -1.58
N SER B 165 11.06 15.10 -2.46
CA SER B 165 9.81 15.20 -3.19
C SER B 165 8.84 14.15 -2.67
N THR B 166 7.56 14.54 -2.62
CA THR B 166 6.49 13.60 -2.34
C THR B 166 5.82 13.24 -3.67
N ASN B 167 5.56 11.95 -3.86
CA ASN B 167 4.98 11.45 -5.10
C ASN B 167 3.87 12.35 -5.66
N LEU B 168 3.81 12.45 -6.98
CA LEU B 168 2.79 13.27 -7.64
C LEU B 168 1.43 13.01 -7.02
N ILE B 169 0.71 14.08 -6.69
CA ILE B 169 -0.57 13.93 -5.98
C ILE B 169 -1.74 14.21 -6.91
N ARG B 170 -2.68 13.27 -6.97
CA ARG B 170 -3.92 13.37 -7.73
C ARG B 170 -4.98 13.84 -6.70
N ASN B 171 -5.56 15.04 -6.93
CA ASN B 171 -6.60 15.67 -6.11
C ASN B 171 -8.01 15.07 -6.31
N GLY B 172 -8.19 14.31 -7.39
CA GLY B 172 -9.46 13.65 -7.73
C GLY B 172 -10.55 14.59 -8.17
N ASP B 173 -10.14 15.71 -8.79
CA ASP B 173 -11.05 16.72 -9.32
C ASP B 173 -10.49 17.25 -10.64
N TRP B 174 -9.76 16.37 -11.36
CA TRP B 174 -9.15 16.64 -12.66
C TRP B 174 -7.97 17.63 -12.61
N THR B 175 -7.41 17.85 -11.41
CA THR B 175 -6.24 18.71 -11.11
C THR B 175 -5.23 17.89 -10.28
N PHE B 176 -3.94 18.21 -10.40
CA PHE B 176 -2.87 17.55 -9.65
C PHE B 176 -2.07 18.56 -8.81
N GLN B 177 -1.32 18.05 -7.81
CA GLN B 177 -0.42 18.84 -6.96
C GLN B 177 0.87 18.08 -6.67
N ILE B 178 1.94 18.82 -6.36
CA ILE B 178 3.25 18.30 -6.01
C ILE B 178 3.97 19.32 -5.12
N LEU B 179 4.73 18.82 -4.16
CA LEU B 179 5.52 19.62 -3.24
C LEU B 179 6.93 19.13 -3.39
N VAL B 180 7.81 20.01 -3.87
CA VAL B 180 9.21 19.68 -4.08
C VAL B 180 10.02 20.58 -3.15
N MET B 181 10.61 19.98 -2.10
CA MET B 181 11.39 20.75 -1.14
C MET B 181 12.87 20.45 -1.12
N LEU B 182 13.71 21.52 -1.19
CA LEU B 182 15.17 21.34 -1.11
C LEU B 182 15.71 21.62 0.26
N GLU B 183 16.69 20.79 0.66
CA GLU B 183 17.40 20.90 1.91
C GLU B 183 18.34 22.08 1.68
N MET B 184 18.25 23.09 2.57
CA MET B 184 19.03 24.32 2.47
C MET B 184 19.50 24.92 3.76
N THR B 185 20.74 25.42 3.68
CA THR B 185 21.44 26.18 4.70
C THR B 185 21.62 27.54 4.00
N PRO B 186 20.63 28.44 4.13
CA PRO B 186 20.72 29.73 3.42
C PRO B 186 21.56 30.82 4.09
N GLN B 187 22.32 31.55 3.26
CA GLN B 187 23.18 32.69 3.66
C GLN B 187 22.44 33.95 3.22
N GLN B 188 22.61 35.09 3.95
CA GLN B 188 21.97 36.38 3.62
C GLN B 188 22.39 36.86 2.20
N GLY B 189 21.42 36.93 1.30
CA GLY B 189 21.61 37.33 -0.10
C GLY B 189 21.61 36.20 -1.11
N ASP B 190 21.15 34.99 -0.70
CA ASP B 190 21.05 33.80 -1.56
C ASP B 190 19.73 33.80 -2.31
N VAL B 191 19.79 33.49 -3.62
CA VAL B 191 18.60 33.43 -4.44
C VAL B 191 18.34 32.01 -4.88
N TYR B 192 17.22 31.48 -4.39
CA TYR B 192 16.70 30.14 -4.63
C TYR B 192 15.59 30.25 -5.68
N THR B 193 15.71 29.48 -6.78
CA THR B 193 14.74 29.51 -7.89
C THR B 193 14.11 28.13 -8.17
N CYS B 194 12.76 28.09 -8.30
CA CYS B 194 11.97 26.90 -8.64
C CYS B 194 11.58 27.04 -10.12
N GLN B 195 11.97 26.07 -10.96
CA GLN B 195 11.70 26.08 -12.40
C GLN B 195 10.74 24.95 -12.81
N VAL B 196 9.53 25.34 -13.28
CA VAL B 196 8.49 24.39 -13.71
C VAL B 196 8.25 24.27 -15.22
N GLU B 197 8.35 23.03 -15.71
CA GLU B 197 8.13 22.69 -17.11
C GLU B 197 6.87 21.83 -17.18
N HIS B 198 5.86 22.32 -17.91
CA HIS B 198 4.57 21.66 -18.11
C HIS B 198 4.13 21.81 -19.58
N THR B 199 3.23 20.92 -20.07
CA THR B 199 2.72 20.95 -21.45
C THR B 199 1.76 22.14 -21.68
N SER B 200 1.14 22.70 -20.59
CA SER B 200 0.22 23.84 -20.63
C SER B 200 0.93 25.21 -20.62
N LEU B 201 2.28 25.22 -20.73
CA LEU B 201 3.15 26.42 -20.76
C LEU B 201 4.02 26.46 -22.03
N ASP B 202 4.04 27.62 -22.72
CA ASP B 202 4.88 27.88 -23.91
C ASP B 202 6.33 28.15 -23.43
N SER B 203 6.46 28.87 -22.28
CA SER B 203 7.71 29.22 -21.61
C SER B 203 7.65 28.79 -20.13
N PRO B 204 8.76 28.22 -19.55
CA PRO B 204 8.71 27.79 -18.14
C PRO B 204 8.48 28.91 -17.12
N VAL B 205 7.76 28.60 -16.02
CA VAL B 205 7.41 29.52 -14.93
C VAL B 205 8.43 29.41 -13.77
N THR B 206 9.05 30.55 -13.38
CA THR B 206 10.03 30.63 -12.28
C THR B 206 9.54 31.52 -11.16
N VAL B 207 9.84 31.09 -9.92
CA VAL B 207 9.48 31.79 -8.68
C VAL B 207 10.77 31.81 -7.86
N GLU B 208 11.20 33.03 -7.48
CA GLU B 208 12.42 33.26 -6.71
C GLU B 208 12.15 33.52 -5.24
N TRP B 209 13.10 33.13 -4.40
CA TRP B 209 13.08 33.29 -2.96
C TRP B 209 14.38 34.00 -2.53
N LYS B 210 14.24 35.16 -1.86
CA LYS B 210 15.36 35.94 -1.34
C LYS B 210 15.53 35.57 0.14
N ALA B 211 16.79 35.42 0.62
CA ALA B 211 17.11 35.04 2.01
C ALA B 211 16.47 35.95 3.10
N GLN B 212 16.79 37.27 3.07
CA GLN B 212 16.33 38.33 4.00
C GLN B 212 16.72 38.09 5.45
N LYS C 2 -7.12 -19.18 9.04
CA LYS C 2 -7.46 -18.93 10.45
C LYS C 2 -6.43 -19.60 11.37
N ALA C 3 -5.62 -18.78 12.09
CA ALA C 3 -4.55 -19.30 12.98
C ALA C 3 -4.17 -18.41 14.15
N ASP C 4 -3.72 -19.07 15.25
CA ASP C 4 -3.25 -18.45 16.49
C ASP C 4 -1.87 -17.86 16.20
N HIS C 5 -1.05 -18.63 15.43
CA HIS C 5 0.31 -18.28 15.02
C HIS C 5 0.64 -18.83 13.63
N VAL C 6 1.45 -18.08 12.85
CA VAL C 6 1.89 -18.48 11.52
C VAL C 6 3.43 -18.58 11.45
N SER C 7 3.91 -19.85 11.36
CA SER C 7 5.32 -20.19 11.24
C SER C 7 5.60 -20.49 9.77
N THR C 8 6.54 -19.72 9.16
CA THR C 8 6.85 -19.85 7.74
C THR C 8 8.31 -19.73 7.30
N TYR C 9 8.67 -20.60 6.30
CA TYR C 9 9.97 -20.64 5.63
C TYR C 9 9.70 -19.95 4.34
N ALA C 10 10.49 -18.92 4.05
CA ALA C 10 10.34 -18.16 2.83
C ALA C 10 11.70 -17.99 2.23
N ALA C 11 11.84 -18.52 1.02
CA ALA C 11 13.08 -18.47 0.25
C ALA C 11 12.85 -18.00 -1.16
N PHE C 12 13.71 -17.13 -1.62
CA PHE C 12 13.65 -16.63 -2.98
C PHE C 12 14.99 -16.83 -3.68
N VAL C 13 14.93 -16.82 -5.01
CA VAL C 13 16.03 -16.99 -5.94
C VAL C 13 15.72 -16.05 -7.12
N GLN C 14 16.69 -15.20 -7.51
CA GLN C 14 16.53 -14.27 -8.64
C GLN C 14 17.81 -13.99 -9.42
N THR C 15 17.70 -13.37 -10.61
CA THR C 15 18.89 -13.08 -11.43
C THR C 15 19.83 -12.03 -10.80
N HIS C 16 19.32 -10.85 -10.43
CA HIS C 16 20.13 -9.80 -9.80
C HIS C 16 20.42 -10.00 -8.31
N ARG C 17 21.37 -9.24 -7.76
CA ARG C 17 21.74 -9.39 -6.35
C ARG C 17 20.67 -8.77 -5.41
N PRO C 18 20.25 -9.46 -4.30
CA PRO C 18 20.67 -10.79 -3.83
C PRO C 18 20.15 -11.88 -4.73
N THR C 19 21.06 -12.73 -5.20
CA THR C 19 20.77 -13.82 -6.11
C THR C 19 19.91 -14.94 -5.48
N GLY C 20 19.94 -15.02 -4.15
CA GLY C 20 19.18 -15.99 -3.35
C GLY C 20 19.05 -15.57 -1.90
N GLU C 21 18.00 -16.06 -1.21
CA GLU C 21 17.72 -15.75 0.20
C GLU C 21 16.89 -16.86 0.84
N PHE C 22 17.21 -17.26 2.08
CA PHE C 22 16.45 -18.31 2.79
C PHE C 22 16.27 -17.92 4.25
N MET C 23 15.02 -17.90 4.72
CA MET C 23 14.73 -17.50 6.10
C MET C 23 13.49 -18.13 6.75
N PHE C 24 13.44 -18.05 8.08
CA PHE C 24 12.31 -18.52 8.85
C PHE C 24 11.75 -17.37 9.66
N GLU C 25 10.43 -17.17 9.49
CA GLU C 25 9.69 -16.13 10.19
C GLU C 25 8.51 -16.67 10.96
N PHE C 26 8.31 -16.09 12.15
CA PHE C 26 7.21 -16.42 13.04
C PHE C 26 6.39 -15.14 13.27
N ASP C 27 5.12 -15.17 12.82
CA ASP C 27 4.18 -14.06 12.92
C ASP C 27 4.76 -12.76 12.31
N GLU C 28 5.22 -12.89 11.04
CA GLU C 28 5.83 -11.85 10.20
C GLU C 28 7.20 -11.33 10.64
N ASP C 29 7.74 -11.84 11.77
CA ASP C 29 9.06 -11.46 12.28
C ASP C 29 10.07 -12.56 12.00
N GLU C 30 11.13 -12.23 11.23
CA GLU C 30 12.20 -13.13 10.81
C GLU C 30 13.04 -13.60 12.02
N MET C 31 12.94 -14.90 12.33
CA MET C 31 13.60 -15.58 13.45
C MET C 31 15.07 -15.90 13.18
N PHE C 32 15.33 -16.46 11.99
CA PHE C 32 16.64 -16.87 11.52
C PHE C 32 16.70 -16.94 9.99
N TYR C 33 17.94 -16.95 9.45
CA TYR C 33 18.29 -17.08 8.04
C TYR C 33 19.65 -17.81 7.88
N VAL C 34 19.90 -18.36 6.68
CA VAL C 34 21.12 -19.08 6.34
C VAL C 34 21.93 -18.14 5.45
N ASP C 35 23.11 -17.66 5.94
CA ASP C 35 23.99 -16.80 5.13
C ASP C 35 24.51 -17.76 4.06
N LEU C 36 24.10 -17.54 2.81
CA LEU C 36 24.45 -18.48 1.73
C LEU C 36 25.92 -18.40 1.27
N ASP C 37 26.59 -17.26 1.56
CA ASP C 37 27.99 -17.01 1.23
C ASP C 37 28.90 -17.53 2.35
N LYS C 38 28.56 -17.25 3.61
CA LYS C 38 29.30 -17.71 4.78
C LYS C 38 28.97 -19.17 5.11
N LYS C 39 27.86 -19.72 4.53
CA LYS C 39 27.30 -21.09 4.73
C LYS C 39 27.02 -21.36 6.22
N GLU C 40 26.57 -20.29 6.93
CA GLU C 40 26.28 -20.30 8.37
C GLU C 40 24.87 -19.78 8.71
N THR C 41 24.21 -20.39 9.74
CA THR C 41 22.89 -19.96 10.24
C THR C 41 23.10 -18.73 11.15
N VAL C 42 22.32 -17.66 10.87
CA VAL C 42 22.31 -16.38 11.60
C VAL C 42 20.94 -16.27 12.27
N TRP C 43 20.92 -16.02 13.58
CA TRP C 43 19.68 -15.89 14.36
C TRP C 43 19.43 -14.42 14.63
N HIS C 44 18.15 -13.99 14.53
CA HIS C 44 17.79 -12.59 14.75
C HIS C 44 18.08 -12.07 16.15
N LEU C 45 17.86 -12.92 17.16
CA LEU C 45 18.10 -12.59 18.56
C LEU C 45 19.11 -13.52 19.25
N GLU C 46 19.80 -13.01 20.30
CA GLU C 46 20.81 -13.71 21.10
C GLU C 46 20.28 -15.02 21.67
N GLU C 47 19.13 -14.94 22.38
CA GLU C 47 18.41 -16.03 23.01
C GLU C 47 17.96 -17.14 22.04
N PHE C 48 17.72 -16.79 20.75
CA PHE C 48 17.30 -17.71 19.69
C PHE C 48 18.38 -18.78 19.48
N GLY C 49 19.55 -18.35 18.98
CA GLY C 49 20.71 -19.20 18.71
C GLY C 49 21.25 -19.94 19.92
N GLN C 50 20.93 -19.43 21.14
CA GLN C 50 21.32 -19.98 22.43
C GLN C 50 20.49 -21.20 22.78
N ALA C 51 19.18 -21.20 22.45
CA ALA C 51 18.27 -22.30 22.75
C ALA C 51 18.00 -23.21 21.56
N PHE C 52 18.23 -22.67 20.35
CA PHE C 52 17.96 -23.40 19.12
C PHE C 52 19.12 -23.54 18.17
N SER C 53 19.06 -24.63 17.39
CA SER C 53 20.03 -25.01 16.37
C SER C 53 19.33 -25.22 15.04
N PHE C 54 20.07 -24.98 13.93
CA PHE C 54 19.59 -25.17 12.57
C PHE C 54 20.74 -25.52 11.64
N GLU C 55 20.47 -26.50 10.75
CA GLU C 55 21.42 -27.02 9.77
C GLU C 55 21.34 -26.23 8.46
N ALA C 56 22.38 -25.42 8.19
CA ALA C 56 22.49 -24.58 7.00
C ALA C 56 22.38 -25.36 5.66
N GLN C 57 22.51 -26.70 5.73
CA GLN C 57 22.37 -27.67 4.64
C GLN C 57 20.97 -27.54 4.00
N GLY C 58 19.97 -27.38 4.85
CA GLY C 58 18.57 -27.25 4.46
C GLY C 58 18.29 -25.97 3.71
N GLY C 59 18.98 -24.89 4.12
CA GLY C 59 18.88 -23.58 3.52
C GLY C 59 19.39 -23.62 2.10
N LEU C 60 20.69 -23.96 1.95
CA LEU C 60 21.35 -24.09 0.66
C LEU C 60 20.60 -25.05 -0.28
N ALA C 61 20.24 -26.26 0.23
CA ALA C 61 19.57 -27.31 -0.54
C ALA C 61 18.31 -26.83 -1.20
N ASN C 62 17.48 -26.04 -0.46
CA ASN C 62 16.24 -25.45 -0.96
C ASN C 62 16.54 -24.38 -2.01
N ILE C 63 17.65 -23.62 -1.83
CA ILE C 63 18.13 -22.61 -2.80
C ILE C 63 18.50 -23.34 -4.13
N ALA C 64 19.09 -24.54 -4.03
CA ALA C 64 19.45 -25.36 -5.20
C ALA C 64 18.20 -25.80 -5.95
N ILE C 65 17.16 -26.23 -5.21
CA ILE C 65 15.89 -26.69 -5.78
C ILE C 65 15.23 -25.52 -6.48
N LEU C 66 15.14 -24.37 -5.79
CA LEU C 66 14.55 -23.13 -6.26
C LEU C 66 15.25 -22.57 -7.50
N ASN C 67 16.60 -22.75 -7.59
CA ASN C 67 17.39 -22.29 -8.75
C ASN C 67 16.97 -23.03 -10.00
N ASN C 68 16.73 -24.34 -9.85
CA ASN C 68 16.29 -25.20 -10.93
C ASN C 68 14.90 -24.77 -11.38
N ASN C 69 13.99 -24.62 -10.40
CA ASN C 69 12.62 -24.21 -10.62
C ASN C 69 12.50 -22.88 -11.40
N LEU C 70 13.39 -21.90 -11.11
CA LEU C 70 13.48 -20.60 -11.78
C LEU C 70 13.75 -20.81 -13.27
N ASN C 71 14.81 -21.59 -13.61
CA ASN C 71 15.24 -21.91 -14.98
C ASN C 71 14.07 -22.48 -15.79
N THR C 72 13.36 -23.47 -15.19
CA THR C 72 12.22 -24.14 -15.82
C THR C 72 11.08 -23.13 -16.09
N LEU C 73 10.88 -22.15 -15.18
CA LEU C 73 9.82 -21.17 -15.34
C LEU C 73 10.11 -20.00 -16.23
N ILE C 74 11.38 -19.61 -16.36
CA ILE C 74 11.80 -18.55 -17.28
C ILE C 74 11.45 -19.09 -18.68
N GLN C 75 11.70 -20.40 -18.90
CA GLN C 75 11.40 -21.12 -20.13
C GLN C 75 9.90 -21.22 -20.33
N ARG C 76 9.16 -21.85 -19.37
CA ARG C 76 7.69 -22.05 -19.41
C ARG C 76 6.91 -20.77 -19.67
N SER C 77 7.33 -19.64 -19.08
CA SER C 77 6.69 -18.34 -19.19
C SER C 77 7.15 -17.51 -20.39
N ASN C 78 7.90 -18.10 -21.37
CA ASN C 78 8.40 -17.37 -22.56
C ASN C 78 9.12 -16.08 -22.10
N HIS C 79 10.02 -16.20 -21.07
CA HIS C 79 10.81 -15.11 -20.48
C HIS C 79 9.98 -13.94 -19.95
N THR C 80 8.97 -14.24 -19.08
CA THR C 80 8.10 -13.23 -18.48
C THR C 80 8.80 -12.47 -17.34
N GLN C 81 9.06 -11.16 -17.54
CA GLN C 81 9.66 -10.32 -16.52
C GLN C 81 8.56 -9.48 -15.90
N ALA C 82 8.46 -9.53 -14.56
CA ALA C 82 7.45 -8.81 -13.82
C ALA C 82 7.69 -7.32 -13.80
N THR C 83 6.60 -6.56 -13.80
CA THR C 83 6.62 -5.10 -13.76
C THR C 83 7.15 -4.63 -12.40
N ASN C 84 8.04 -3.62 -12.44
CA ASN C 84 8.70 -3.00 -11.29
C ASN C 84 7.69 -2.24 -10.42
N ASP C 85 7.58 -2.67 -9.15
CA ASP C 85 6.69 -2.08 -8.17
C ASP C 85 7.52 -1.15 -7.30
N PRO C 86 7.35 0.19 -7.46
CA PRO C 86 8.13 1.14 -6.67
C PRO C 86 7.87 1.04 -5.16
N PRO C 87 8.87 1.33 -4.28
CA PRO C 87 8.63 1.25 -2.84
C PRO C 87 7.94 2.46 -2.21
N GLU C 88 7.46 2.26 -0.98
CA GLU C 88 6.78 3.22 -0.12
C GLU C 88 7.69 3.33 1.11
N VAL C 89 8.33 4.49 1.25
CA VAL C 89 9.28 4.75 2.33
C VAL C 89 8.72 5.59 3.50
N THR C 90 9.06 5.17 4.73
CA THR C 90 8.65 5.82 5.99
C THR C 90 9.84 5.83 6.95
N VAL C 91 10.07 6.99 7.59
CA VAL C 91 11.15 7.17 8.56
C VAL C 91 10.46 7.55 9.88
N PHE C 92 10.88 6.90 10.97
CA PHE C 92 10.33 7.09 12.32
C PHE C 92 11.33 6.63 13.39
N PRO C 93 11.39 7.31 14.58
CA PRO C 93 12.34 6.84 15.61
C PRO C 93 11.82 5.60 16.35
N LYS C 94 12.71 4.82 16.97
CA LYS C 94 12.35 3.61 17.70
C LYS C 94 11.65 3.98 19.01
N GLU C 95 12.28 4.85 19.84
CA GLU C 95 11.77 5.34 21.12
C GLU C 95 11.33 6.81 21.02
N PRO C 96 10.51 7.35 21.98
CA PRO C 96 10.13 8.78 21.91
C PRO C 96 11.36 9.65 22.04
N VAL C 97 11.50 10.55 21.06
CA VAL C 97 12.59 11.49 20.90
C VAL C 97 12.74 12.47 22.06
N GLU C 98 13.93 12.46 22.68
CA GLU C 98 14.31 13.33 23.81
C GLU C 98 15.72 13.81 23.53
N LEU C 99 15.88 15.12 23.20
CA LEU C 99 17.15 15.78 22.85
C LEU C 99 18.29 15.34 23.75
N GLY C 100 19.34 14.80 23.12
CA GLY C 100 20.53 14.30 23.79
C GLY C 100 20.48 12.86 24.27
N GLN C 101 19.27 12.24 24.31
CA GLN C 101 19.10 10.85 24.75
C GLN C 101 19.21 9.89 23.54
N PRO C 102 20.26 9.01 23.47
CA PRO C 102 20.42 8.11 22.31
C PRO C 102 19.20 7.28 21.96
N ASN C 103 18.89 7.25 20.66
CA ASN C 103 17.75 6.57 20.05
C ASN C 103 18.18 5.86 18.75
N THR C 104 17.22 5.23 18.05
CA THR C 104 17.42 4.52 16.79
C THR C 104 16.44 5.07 15.76
N LEU C 105 16.91 5.38 14.54
CA LEU C 105 16.05 5.84 13.47
C LEU C 105 15.72 4.64 12.54
N ILE C 106 14.43 4.28 12.41
CA ILE C 106 14.01 3.17 11.56
C ILE C 106 13.52 3.68 10.22
N CYS C 107 14.00 3.06 9.13
CA CYS C 107 13.58 3.35 7.76
C CYS C 107 12.88 2.12 7.15
N HIS C 108 11.54 2.23 7.00
CA HIS C 108 10.74 1.16 6.44
C HIS C 108 10.49 1.32 4.96
N ILE C 109 11.20 0.51 4.17
CA ILE C 109 11.09 0.47 2.71
C ILE C 109 10.09 -0.64 2.49
N ASP C 110 8.92 -0.32 1.85
CA ASP C 110 7.80 -1.27 1.69
C ASP C 110 7.09 -1.29 0.35
N LYS C 111 6.40 -2.43 0.06
CA LYS C 111 5.54 -2.67 -1.11
C LYS C 111 6.22 -2.63 -2.49
N PHE C 112 7.44 -3.16 -2.55
CA PHE C 112 8.23 -3.21 -3.78
C PHE C 112 8.53 -4.61 -4.35
N PHE C 113 8.87 -4.64 -5.64
CA PHE C 113 9.26 -5.80 -6.42
C PHE C 113 10.04 -5.29 -7.65
N PRO C 114 11.21 -5.85 -7.99
CA PRO C 114 11.89 -6.97 -7.35
C PRO C 114 12.70 -6.63 -6.09
N PRO C 115 13.16 -7.63 -5.29
CA PRO C 115 14.00 -7.32 -4.14
C PRO C 115 15.46 -7.05 -4.60
N VAL C 116 15.62 -5.91 -5.30
CA VAL C 116 16.85 -5.33 -5.84
C VAL C 116 16.69 -3.90 -5.35
N LEU C 117 17.52 -3.52 -4.36
CA LEU C 117 17.43 -2.21 -3.74
C LEU C 117 18.78 -1.68 -3.23
N ASN C 118 18.90 -0.34 -3.19
CA ASN C 118 20.05 0.38 -2.66
C ASN C 118 19.52 1.34 -1.58
N VAL C 119 20.04 1.24 -0.34
CA VAL C 119 19.57 2.09 0.77
C VAL C 119 20.76 2.70 1.53
N THR C 120 20.83 4.06 1.53
CA THR C 120 21.86 4.81 2.25
C THR C 120 21.24 5.85 3.13
N TRP C 121 21.75 5.94 4.38
CA TRP C 121 21.35 6.90 5.40
C TRP C 121 22.15 8.16 5.16
N LEU C 122 21.56 9.32 5.44
CA LEU C 122 22.27 10.57 5.26
C LEU C 122 22.07 11.45 6.47
N CYS C 123 23.17 11.97 7.03
CA CYS C 123 23.07 12.87 8.17
C CYS C 123 23.54 14.21 7.70
N ASN C 124 22.61 15.18 7.70
CA ASN C 124 22.82 16.55 7.25
C ASN C 124 23.28 16.69 5.79
N GLY C 125 23.11 15.63 4.99
CA GLY C 125 23.46 15.56 3.57
C GLY C 125 24.58 14.62 3.15
N GLU C 126 25.41 14.15 4.11
CA GLU C 126 26.52 13.23 3.81
C GLU C 126 26.29 11.83 4.40
N LEU C 127 26.84 10.84 3.69
CA LEU C 127 26.77 9.41 3.98
C LEU C 127 27.21 8.96 5.37
N VAL C 128 26.29 8.36 6.12
CA VAL C 128 26.63 7.82 7.44
C VAL C 128 26.94 6.35 7.23
N THR C 129 28.11 5.90 7.64
CA THR C 129 28.48 4.50 7.50
C THR C 129 28.51 3.71 8.82
N GLU C 130 28.68 4.41 9.98
CA GLU C 130 28.76 3.76 11.29
C GLU C 130 27.51 3.93 12.14
N GLY C 131 27.22 2.86 12.91
CA GLY C 131 26.06 2.76 13.78
C GLY C 131 24.83 2.40 12.97
N VAL C 132 25.07 1.77 11.81
CA VAL C 132 24.11 1.36 10.80
C VAL C 132 23.88 -0.17 10.85
N ALA C 133 22.59 -0.58 10.74
CA ALA C 133 22.12 -1.97 10.69
C ALA C 133 21.03 -2.08 9.60
N GLU C 134 20.54 -3.33 9.30
CA GLU C 134 19.51 -3.60 8.27
C GLU C 134 18.99 -5.03 8.19
N SER C 135 17.72 -5.16 7.77
CA SER C 135 17.00 -6.42 7.58
C SER C 135 17.29 -7.05 6.20
N LEU C 136 16.74 -8.25 6.03
CA LEU C 136 16.81 -8.98 4.78
C LEU C 136 15.62 -8.49 3.95
N PHE C 137 15.59 -8.89 2.67
CA PHE C 137 14.49 -8.56 1.77
C PHE C 137 13.32 -9.47 2.19
N LEU C 138 12.53 -8.97 3.19
CA LEU C 138 11.40 -9.64 3.81
C LEU C 138 10.27 -9.92 2.83
N PRO C 139 9.87 -11.20 2.66
CA PRO C 139 8.83 -11.52 1.69
C PRO C 139 7.43 -11.37 2.25
N ARG C 140 6.72 -10.36 1.74
CA ARG C 140 5.34 -10.05 2.09
C ARG C 140 4.43 -11.14 1.51
N THR C 141 3.30 -11.41 2.19
CA THR C 141 2.29 -12.41 1.79
C THR C 141 1.70 -12.13 0.40
N ASP C 142 1.82 -10.86 -0.08
CA ASP C 142 1.33 -10.40 -1.39
C ASP C 142 2.40 -10.50 -2.51
N TYR C 143 3.43 -11.33 -2.26
CA TYR C 143 4.56 -11.68 -3.13
C TYR C 143 5.49 -10.52 -3.55
N SER C 144 5.28 -9.40 -2.86
CA SER C 144 6.01 -8.14 -2.91
C SER C 144 7.07 -8.25 -1.77
N PHE C 145 7.92 -7.23 -1.62
CA PHE C 145 8.98 -7.20 -0.62
C PHE C 145 9.04 -5.93 0.20
N HIS C 146 9.60 -6.05 1.41
CA HIS C 146 9.85 -4.96 2.34
C HIS C 146 11.20 -5.15 3.05
N LYS C 147 11.74 -4.06 3.60
CA LYS C 147 13.05 -4.05 4.28
C LYS C 147 13.08 -2.95 5.32
N PHE C 148 13.89 -3.17 6.35
CA PHE C 148 14.10 -2.22 7.43
C PHE C 148 15.56 -1.82 7.42
N HIS C 149 15.80 -0.54 7.71
CA HIS C 149 17.14 0.03 7.84
C HIS C 149 17.14 0.77 9.16
N TYR C 150 18.27 0.70 9.89
CA TYR C 150 18.38 1.29 11.22
C TYR C 150 19.63 2.14 11.36
N LEU C 151 19.50 3.23 12.11
CA LEU C 151 20.59 4.15 12.39
C LEU C 151 20.54 4.61 13.84
N THR C 152 21.61 4.29 14.60
CA THR C 152 21.74 4.74 15.99
C THR C 152 22.14 6.22 15.91
N PHE C 153 21.29 7.07 16.51
CA PHE C 153 21.48 8.50 16.49
C PHE C 153 21.22 9.12 17.85
N VAL C 154 21.78 10.33 18.03
CA VAL C 154 21.57 11.11 19.24
C VAL C 154 20.80 12.41 18.85
N PRO C 155 19.50 12.49 19.22
CA PRO C 155 18.67 13.64 18.83
C PRO C 155 19.18 15.02 19.23
N SER C 156 19.37 15.87 18.21
CA SER C 156 19.84 17.26 18.30
C SER C 156 19.04 18.12 17.32
N ALA C 157 18.67 19.36 17.74
CA ALA C 157 17.88 20.32 16.93
C ALA C 157 18.54 20.75 15.61
N GLU C 158 19.89 20.87 15.59
CA GLU C 158 20.65 21.28 14.41
C GLU C 158 21.09 20.07 13.54
N ASP C 159 20.23 19.04 13.47
CA ASP C 159 20.41 17.80 12.72
C ASP C 159 19.17 17.39 11.93
N PHE C 160 19.40 16.89 10.71
CA PHE C 160 18.40 16.35 9.81
C PHE C 160 18.89 15.07 9.20
N TYR C 161 17.98 14.14 9.00
CA TYR C 161 18.28 12.84 8.43
C TYR C 161 17.48 12.52 7.14
N ASP C 162 18.05 11.62 6.34
CA ASP C 162 17.50 11.18 5.06
C ASP C 162 17.70 9.71 4.81
N CYS C 163 16.63 9.09 4.30
CA CYS C 163 16.66 7.72 3.88
C CYS C 163 16.64 7.78 2.36
N ARG C 164 17.79 7.46 1.71
CA ARG C 164 17.96 7.49 0.25
C ARG C 164 17.83 6.09 -0.36
N VAL C 165 16.72 5.89 -1.13
CA VAL C 165 16.39 4.59 -1.75
C VAL C 165 16.48 4.57 -3.29
N GLU C 166 16.97 3.44 -3.82
CA GLU C 166 17.08 3.25 -5.27
C GLU C 166 16.37 1.97 -5.65
N HIS C 167 15.45 2.06 -6.64
CA HIS C 167 14.71 0.91 -7.15
C HIS C 167 14.46 1.11 -8.65
N TRP C 168 14.37 -0.01 -9.43
CA TRP C 168 14.15 0.07 -10.91
C TRP C 168 12.86 0.78 -11.33
N GLY C 169 11.84 0.73 -10.47
CA GLY C 169 10.56 1.38 -10.71
C GLY C 169 10.51 2.79 -10.14
N LEU C 170 11.69 3.43 -10.01
CA LEU C 170 11.88 4.77 -9.47
C LEU C 170 12.78 5.53 -10.45
N ASP C 171 12.21 6.57 -11.08
CA ASP C 171 12.84 7.44 -12.08
C ASP C 171 14.02 8.24 -11.52
N GLN C 172 13.94 8.62 -10.24
CA GLN C 172 14.96 9.37 -9.52
C GLN C 172 15.05 8.78 -8.09
N PRO C 173 16.28 8.68 -7.48
CA PRO C 173 16.39 8.13 -6.12
C PRO C 173 15.58 8.90 -5.10
N LEU C 174 14.67 8.19 -4.43
CA LEU C 174 13.79 8.76 -3.44
C LEU C 174 14.54 9.10 -2.13
N LEU C 175 14.37 10.33 -1.63
CA LEU C 175 14.95 10.87 -0.40
C LEU C 175 13.81 11.11 0.63
N LYS C 176 13.75 10.29 1.72
CA LYS C 176 12.71 10.50 2.74
C LYS C 176 13.29 11.23 3.95
N HIS C 177 12.81 12.46 4.18
CA HIS C 177 13.29 13.38 5.22
C HIS C 177 12.79 13.14 6.63
N TRP C 178 13.62 13.52 7.65
CA TRP C 178 13.29 13.39 9.07
C TRP C 178 13.87 14.45 10.05
N GLU C 179 12.99 15.01 10.90
CA GLU C 179 13.22 16.02 11.96
C GLU C 179 14.38 16.97 11.81
N GLN D 1 16.10 -29.89 20.13
CA GLN D 1 16.52 -28.48 20.09
C GLN D 1 16.66 -27.86 18.66
N ALA D 2 16.64 -28.71 17.60
CA ALA D 2 16.81 -28.32 16.20
C ALA D 2 15.54 -28.15 15.35
N PHE D 3 15.53 -27.08 14.51
CA PHE D 3 14.44 -26.77 13.58
C PHE D 3 14.51 -27.68 12.36
N TRP D 4 13.33 -28.08 11.84
CA TRP D 4 13.21 -28.93 10.65
C TRP D 4 12.80 -28.18 9.39
N ILE D 5 13.19 -28.71 8.22
CA ILE D 5 12.91 -28.19 6.87
C ILE D 5 12.52 -29.29 5.92
N ASP D 6 11.44 -29.08 5.22
CA ASP D 6 11.02 -29.93 4.17
C ASP D 6 11.84 -29.45 3.03
N LEU D 7 11.95 -30.23 1.96
CA LEU D 7 12.61 -29.77 0.74
C LEU D 7 11.54 -29.54 -0.32
N PHE D 8 11.57 -28.38 -0.99
CA PHE D 8 10.60 -28.05 -2.06
C PHE D 8 10.57 -29.10 -3.13
N GLU D 9 9.45 -29.20 -3.87
CA GLU D 9 9.38 -30.16 -4.97
C GLU D 9 10.08 -29.55 -6.21
N THR D 10 10.39 -30.38 -7.21
CA THR D 10 11.10 -30.00 -8.42
C THR D 10 10.19 -29.75 -9.61
N ILE D 11 10.43 -28.62 -10.30
CA ILE D 11 9.76 -28.20 -11.53
C ILE D 11 10.75 -28.51 -12.71
N GLY D 12 10.40 -29.51 -13.53
CA GLY D 12 11.20 -29.98 -14.66
C GLY D 12 10.35 -30.33 -15.87
N SER D 26 15.29 -1.31 -18.65
CA SER D 26 15.39 -1.95 -17.34
C SER D 26 16.10 -3.34 -17.42
N PRO D 27 17.02 -3.68 -16.47
CA PRO D 27 17.72 -4.97 -16.55
C PRO D 27 16.82 -6.19 -16.52
N GLU D 28 17.28 -7.26 -17.22
CA GLU D 28 16.63 -8.56 -17.33
C GLU D 28 16.67 -9.20 -15.96
N ASN D 29 15.48 -9.55 -15.42
CA ASN D 29 15.37 -10.14 -14.10
C ASN D 29 14.16 -11.03 -13.94
N TYR D 30 14.40 -12.24 -13.40
CA TYR D 30 13.38 -13.24 -13.12
C TYR D 30 13.54 -13.73 -11.70
N LEU D 31 12.44 -13.96 -10.98
CA LEU D 31 12.44 -14.42 -9.58
C LEU D 31 11.55 -15.66 -9.38
N PHE D 32 11.94 -16.50 -8.41
CA PHE D 32 11.16 -17.65 -7.95
C PHE D 32 11.10 -17.58 -6.43
N GLN D 33 9.90 -17.74 -5.84
CA GLN D 33 9.73 -17.74 -4.40
C GLN D 33 9.04 -19.00 -3.95
N GLY D 34 9.59 -19.60 -2.91
CA GLY D 34 9.08 -20.80 -2.28
C GLY D 34 8.67 -20.47 -0.87
N ARG D 35 7.49 -20.95 -0.46
CA ARG D 35 6.94 -20.71 0.89
C ARG D 35 6.43 -21.99 1.54
N GLN D 36 6.83 -22.21 2.79
CA GLN D 36 6.43 -23.37 3.59
C GLN D 36 5.81 -22.81 4.86
N GLU D 37 4.49 -22.62 4.81
CA GLU D 37 3.71 -22.04 5.89
C GLU D 37 2.99 -23.10 6.71
N CYS D 38 3.05 -22.93 8.06
CA CYS D 38 2.39 -23.74 9.06
C CYS D 38 1.39 -22.85 9.80
N TYR D 39 0.09 -23.19 9.69
CA TYR D 39 -1.03 -22.48 10.30
C TYR D 39 -1.50 -23.24 11.54
N ALA D 40 -1.01 -22.77 12.71
CA ALA D 40 -1.30 -23.32 14.05
C ALA D 40 -2.56 -22.69 14.64
N PHE D 41 -3.58 -23.53 14.87
CA PHE D 41 -4.86 -23.11 15.42
C PHE D 41 -5.54 -24.23 16.19
N ASN D 42 -5.92 -23.97 17.47
CA ASN D 42 -6.60 -24.90 18.40
C ASN D 42 -6.03 -26.35 18.40
N GLY D 43 -4.70 -26.43 18.54
CA GLY D 43 -3.97 -27.68 18.56
C GLY D 43 -3.93 -28.42 17.22
N THR D 44 -4.19 -27.68 16.12
CA THR D 44 -4.20 -28.19 14.76
C THR D 44 -3.19 -27.43 13.91
N GLN D 45 -2.58 -28.13 12.94
CA GLN D 45 -1.60 -27.57 12.00
C GLN D 45 -2.06 -27.76 10.56
N ARG D 46 -2.07 -26.66 9.80
CA ARG D 46 -2.43 -26.66 8.40
C ARG D 46 -1.18 -26.24 7.62
N PHE D 47 -0.78 -27.06 6.64
CA PHE D 47 0.42 -26.78 5.86
C PHE D 47 0.12 -26.35 4.42
N LEU D 48 0.81 -25.27 3.97
CA LEU D 48 0.69 -24.72 2.62
C LEU D 48 2.05 -24.53 1.97
N GLU D 49 2.28 -25.22 0.85
CA GLU D 49 3.54 -25.04 0.13
C GLU D 49 3.16 -24.22 -1.06
N ARG D 50 3.78 -23.03 -1.17
CA ARG D 50 3.50 -22.08 -2.26
C ARG D 50 4.67 -21.91 -3.21
N TYR D 51 4.37 -22.05 -4.51
CA TYR D 51 5.30 -21.93 -5.63
C TYR D 51 4.89 -20.72 -6.45
N ILE D 52 5.71 -19.66 -6.37
CA ILE D 52 5.46 -18.36 -7.00
C ILE D 52 6.58 -17.98 -7.98
N TYR D 53 6.21 -17.67 -9.23
CA TYR D 53 7.15 -17.17 -10.24
C TYR D 53 6.87 -15.67 -10.30
N ASN D 54 7.89 -14.85 -10.01
CA ASN D 54 7.80 -13.39 -9.91
C ASN D 54 6.75 -13.06 -8.81
N ARG D 55 5.58 -12.55 -9.17
CA ARG D 55 4.54 -12.27 -8.15
C ARG D 55 3.34 -13.24 -8.25
N GLU D 56 3.33 -14.09 -9.29
CA GLU D 56 2.25 -15.03 -9.58
C GLU D 56 2.46 -16.37 -8.92
N GLU D 57 1.61 -16.70 -7.93
CA GLU D 57 1.59 -18.01 -7.26
C GLU D 57 0.88 -18.87 -8.33
N PHE D 58 1.57 -19.86 -8.85
CA PHE D 58 1.04 -20.69 -9.92
C PHE D 58 0.60 -22.09 -9.48
N VAL D 59 1.17 -22.64 -8.39
CA VAL D 59 0.83 -23.98 -7.89
C VAL D 59 0.99 -24.07 -6.36
N ARG D 60 0.10 -24.81 -5.68
CA ARG D 60 0.09 -24.93 -4.23
C ARG D 60 -0.44 -26.25 -3.67
N PHE D 61 0.21 -26.73 -2.60
CA PHE D 61 -0.29 -27.88 -1.85
C PHE D 61 -0.94 -27.26 -0.63
N ASP D 62 -2.05 -27.85 -0.17
CA ASP D 62 -2.81 -27.46 1.03
C ASP D 62 -3.21 -28.76 1.75
N SER D 63 -2.83 -28.92 3.05
CA SER D 63 -3.15 -30.10 3.89
C SER D 63 -4.66 -30.32 4.02
N ASP D 64 -5.45 -29.23 3.86
CA ASP D 64 -6.91 -29.20 3.86
C ASP D 64 -7.44 -29.74 2.54
N VAL D 65 -6.66 -29.65 1.45
CA VAL D 65 -7.04 -30.15 0.12
C VAL D 65 -6.57 -31.61 0.03
N GLY D 66 -5.33 -31.85 0.46
CA GLY D 66 -4.70 -33.16 0.43
C GLY D 66 -3.84 -33.35 -0.81
N GLU D 67 -4.06 -32.50 -1.85
CA GLU D 67 -3.28 -32.54 -3.09
C GLU D 67 -2.90 -31.15 -3.65
N PHE D 68 -2.03 -31.14 -4.66
CA PHE D 68 -1.55 -29.93 -5.28
C PHE D 68 -2.59 -29.39 -6.21
N ARG D 69 -2.66 -28.08 -6.29
CA ARG D 69 -3.66 -27.38 -7.10
C ARG D 69 -3.03 -26.23 -7.82
N ALA D 70 -3.25 -26.15 -9.16
CA ALA D 70 -2.75 -25.06 -10.01
C ALA D 70 -3.46 -23.78 -9.59
N VAL D 71 -2.73 -22.83 -8.97
CA VAL D 71 -3.31 -21.57 -8.54
C VAL D 71 -3.68 -20.72 -9.78
N THR D 72 -2.86 -20.83 -10.83
CA THR D 72 -3.07 -20.21 -12.13
C THR D 72 -2.71 -21.28 -13.17
N GLU D 73 -3.05 -21.08 -14.45
CA GLU D 73 -2.76 -22.03 -15.55
C GLU D 73 -1.27 -22.42 -15.77
N LEU D 74 -0.35 -21.62 -15.23
CA LEU D 74 1.10 -21.85 -15.31
C LEU D 74 1.52 -23.05 -14.43
N GLY D 75 0.66 -23.38 -13.45
CA GLY D 75 0.85 -24.48 -12.51
C GLY D 75 0.18 -25.76 -12.92
N ARG D 76 -0.59 -25.72 -14.04
CA ARG D 76 -1.30 -26.86 -14.60
C ARG D 76 -0.37 -28.09 -14.79
N PRO D 77 0.82 -28.00 -15.45
CA PRO D 77 1.67 -29.20 -15.58
C PRO D 77 2.10 -29.82 -14.26
N ASP D 78 2.44 -28.97 -13.28
CA ASP D 78 2.92 -29.36 -11.93
C ASP D 78 1.87 -30.05 -11.09
N GLU D 79 0.60 -29.56 -11.15
CA GLU D 79 -0.54 -30.13 -10.44
C GLU D 79 -0.70 -31.54 -10.98
N GLU D 80 -0.80 -31.67 -12.32
CA GLU D 80 -0.95 -32.92 -13.07
C GLU D 80 0.15 -33.95 -12.77
N TYR D 81 1.43 -33.52 -12.82
CA TYR D 81 2.56 -34.39 -12.55
C TYR D 81 2.71 -34.77 -11.08
N TRP D 82 2.88 -33.77 -10.17
CA TRP D 82 3.09 -34.04 -8.75
C TRP D 82 2.06 -34.98 -8.15
N ASN D 83 0.77 -34.74 -8.46
CA ASN D 83 -0.34 -35.56 -8.00
C ASN D 83 -0.25 -37.02 -8.49
N SER D 84 0.47 -37.29 -9.63
CA SER D 84 0.67 -38.64 -10.18
C SER D 84 1.68 -39.46 -9.34
N GLN D 85 2.58 -38.78 -8.59
CA GLN D 85 3.58 -39.44 -7.73
C GLN D 85 3.02 -39.63 -6.31
N LYS D 86 2.76 -40.91 -5.94
CA LYS D 86 2.22 -41.30 -4.62
C LYS D 86 3.11 -40.85 -3.49
N ASP D 87 4.45 -40.85 -3.73
CA ASP D 87 5.47 -40.45 -2.77
C ASP D 87 5.35 -39.00 -2.36
N ILE D 88 5.46 -38.07 -3.33
CA ILE D 88 5.39 -36.61 -3.18
C ILE D 88 4.17 -36.23 -2.35
N LEU D 89 3.01 -36.82 -2.72
CA LEU D 89 1.73 -36.63 -2.08
C LEU D 89 1.74 -37.02 -0.60
N GLU D 90 2.26 -38.24 -0.28
CA GLU D 90 2.35 -38.74 1.10
C GLU D 90 3.36 -37.97 1.93
N GLU D 91 4.44 -37.46 1.29
CA GLU D 91 5.51 -36.65 1.91
C GLU D 91 4.90 -35.32 2.40
N GLU D 92 4.16 -34.61 1.56
CA GLU D 92 3.59 -33.34 1.95
C GLU D 92 2.44 -33.46 2.90
N ARG D 93 1.67 -34.55 2.76
CA ARG D 93 0.56 -34.81 3.69
C ARG D 93 1.07 -35.03 5.12
N ALA D 94 2.30 -35.56 5.25
CA ALA D 94 2.96 -35.83 6.53
C ALA D 94 3.40 -34.57 7.28
N VAL D 95 3.80 -33.50 6.55
CA VAL D 95 4.30 -32.17 7.01
C VAL D 95 3.56 -31.52 8.24
N PRO D 96 2.20 -31.46 8.34
CA PRO D 96 1.58 -30.87 9.55
C PRO D 96 1.95 -31.55 10.87
N ASP D 97 1.91 -32.89 10.91
CA ASP D 97 2.32 -33.64 12.09
C ASP D 97 3.83 -33.89 12.14
N ARG D 98 4.55 -33.34 11.17
CA ARG D 98 6.00 -33.48 11.05
C ARG D 98 6.76 -32.22 11.50
N MET D 99 6.92 -31.25 10.60
CA MET D 99 7.85 -30.15 10.82
C MET D 99 7.01 -29.14 11.55
N CYS D 100 5.77 -28.91 11.06
CA CYS D 100 4.84 -27.94 11.63
C CYS D 100 4.69 -28.17 13.13
N ARG D 101 4.25 -29.39 13.53
CA ARG D 101 4.07 -29.86 14.91
C ARG D 101 5.34 -29.63 15.74
N HIS D 102 6.53 -30.12 15.22
CA HIS D 102 7.86 -30.03 15.82
C HIS D 102 8.38 -28.60 16.07
N ASN D 103 8.44 -27.78 15.01
CA ASN D 103 8.91 -26.40 15.04
C ASN D 103 8.02 -25.49 15.89
N TYR D 104 6.77 -25.91 16.13
CA TYR D 104 5.82 -25.20 16.97
C TYR D 104 6.20 -25.53 18.42
N GLU D 105 6.27 -26.85 18.75
CA GLU D 105 6.60 -27.44 20.05
C GLU D 105 7.96 -26.99 20.59
N LEU D 106 8.91 -26.69 19.68
CA LEU D 106 10.27 -26.20 19.92
C LEU D 106 10.24 -24.88 20.66
N GLY D 107 9.86 -23.83 19.92
CA GLY D 107 9.77 -22.45 20.40
C GLY D 107 8.60 -22.21 21.33
N GLY D 108 8.78 -22.58 22.60
CA GLY D 108 7.78 -22.42 23.66
C GLY D 108 7.80 -20.99 24.20
N PRO D 109 7.80 -20.78 25.56
CA PRO D 109 7.83 -19.40 26.10
C PRO D 109 9.17 -18.69 25.84
N MET D 110 9.40 -18.35 24.55
CA MET D 110 10.57 -17.72 23.92
C MET D 110 10.08 -17.08 22.61
N THR D 111 9.04 -17.68 21.99
CA THR D 111 8.34 -17.26 20.77
C THR D 111 6.82 -17.45 20.93
N LEU D 112 6.38 -18.67 21.37
CA LEU D 112 4.97 -19.06 21.60
C LEU D 112 4.34 -18.23 22.73
N GLN D 113 5.10 -18.08 23.82
CA GLN D 113 4.77 -17.36 25.03
C GLN D 113 5.92 -16.36 25.31
N ARG D 114 6.21 -15.52 24.29
CA ARG D 114 7.20 -14.46 24.36
C ARG D 114 6.43 -13.20 24.75
N ARG D 115 6.87 -12.61 25.87
CA ARG D 115 6.34 -11.42 26.52
C ARG D 115 7.46 -10.39 26.77
N VAL D 116 7.30 -9.17 26.22
CA VAL D 116 8.21 -8.04 26.43
C VAL D 116 7.31 -6.91 26.86
N GLN D 117 7.52 -6.38 28.08
CA GLN D 117 6.70 -5.31 28.64
C GLN D 117 6.86 -3.96 27.91
N PRO D 118 5.74 -3.23 27.64
CA PRO D 118 5.84 -1.95 26.93
C PRO D 118 6.43 -0.79 27.74
N ARG D 119 6.97 0.21 27.01
CA ARG D 119 7.57 1.44 27.55
C ARG D 119 6.61 2.58 27.19
N VAL D 120 5.92 3.11 28.22
CA VAL D 120 4.91 4.15 28.05
C VAL D 120 5.45 5.55 28.41
N ASN D 121 5.31 6.50 27.48
CA ASN D 121 5.74 7.88 27.65
C ASN D 121 4.60 8.79 27.24
N VAL D 122 4.17 9.66 28.17
CA VAL D 122 3.11 10.65 27.94
C VAL D 122 3.76 12.03 27.90
N SER D 123 3.54 12.76 26.80
CA SER D 123 4.11 14.08 26.57
C SER D 123 3.24 14.91 25.61
N PRO D 124 3.11 16.25 25.81
CA PRO D 124 2.32 17.05 24.85
C PRO D 124 3.08 17.23 23.54
N SER D 125 2.33 17.42 22.45
CA SER D 125 2.85 17.57 21.10
C SER D 125 3.71 18.82 20.93
N LYS D 126 3.18 19.98 21.33
CA LYS D 126 3.86 21.28 21.20
C LYS D 126 4.00 21.98 22.55
N LYS D 127 5.07 22.80 22.70
CA LYS D 127 5.36 23.59 23.90
C LYS D 127 4.57 24.90 23.84
N GLY D 128 3.70 25.12 24.83
CA GLY D 128 2.87 26.32 24.90
C GLY D 128 2.04 26.49 26.16
N PRO D 129 1.16 27.54 26.18
CA PRO D 129 0.33 27.78 27.40
C PRO D 129 -0.83 26.80 27.60
N LEU D 130 -1.27 26.67 28.88
CA LEU D 130 -2.33 25.77 29.33
C LEU D 130 -3.78 26.29 29.10
N GLN D 131 -4.13 26.63 27.83
CA GLN D 131 -5.45 27.11 27.39
C GLN D 131 -5.77 26.78 25.91
N HIS D 132 -4.78 26.94 24.98
CA HIS D 132 -4.86 26.67 23.51
C HIS D 132 -4.88 25.17 23.18
N HIS D 133 -5.50 24.77 22.01
CA HIS D 133 -5.66 23.37 21.53
C HIS D 133 -4.32 22.65 21.42
N ASN D 134 -4.26 21.39 21.88
CA ASN D 134 -3.03 20.58 21.81
C ASN D 134 -3.36 19.08 21.73
N LEU D 135 -2.33 18.26 21.45
CA LEU D 135 -2.42 16.82 21.33
C LEU D 135 -1.57 16.16 22.39
N LEU D 136 -2.16 15.24 23.19
CA LEU D 136 -1.44 14.54 24.24
C LEU D 136 -1.02 13.15 23.79
N VAL D 137 0.25 13.03 23.39
CA VAL D 137 0.86 11.83 22.85
C VAL D 137 1.22 10.79 23.91
N CYS D 138 0.69 9.58 23.74
CA CYS D 138 1.01 8.45 24.59
C CYS D 138 1.81 7.50 23.68
N HIS D 139 3.14 7.56 23.83
CA HIS D 139 4.03 6.76 23.01
C HIS D 139 4.42 5.46 23.69
N VAL D 140 3.66 4.40 23.33
CA VAL D 140 3.83 3.03 23.81
C VAL D 140 4.79 2.35 22.82
N THR D 141 6.00 2.05 23.29
CA THR D 141 7.11 1.53 22.51
C THR D 141 7.74 0.25 23.10
N ASP D 142 8.35 -0.60 22.25
CA ASP D 142 9.07 -1.85 22.55
C ASP D 142 8.28 -2.95 23.28
N PHE D 143 7.34 -3.57 22.59
CA PHE D 143 6.54 -4.63 23.18
C PHE D 143 6.31 -5.75 22.16
N TYR D 144 6.10 -6.97 22.68
CA TYR D 144 5.81 -8.17 21.89
C TYR D 144 4.92 -9.08 22.75
N PRO D 145 3.77 -9.65 22.26
CA PRO D 145 3.17 -9.55 20.91
C PRO D 145 2.65 -8.16 20.49
N GLY D 146 1.92 -8.17 19.37
CA GLY D 146 1.36 -6.96 18.77
C GLY D 146 0.13 -6.44 19.47
N SER D 147 -0.80 -7.35 19.83
CA SER D 147 -2.07 -7.04 20.51
C SER D 147 -1.89 -6.20 21.80
N ILE D 148 -2.22 -4.90 21.66
CA ILE D 148 -2.16 -3.89 22.71
C ILE D 148 -3.43 -3.03 22.73
N GLN D 149 -3.79 -2.49 23.94
CA GLN D 149 -4.92 -1.59 24.19
C GLN D 149 -4.43 -0.32 24.94
N VAL D 150 -4.59 0.84 24.32
CA VAL D 150 -4.19 2.14 24.86
C VAL D 150 -5.46 3.03 25.08
N ARG D 151 -5.81 3.30 26.34
CA ARG D 151 -6.99 4.09 26.68
C ARG D 151 -6.66 5.49 27.18
N TRP D 152 -7.63 6.45 27.08
CA TRP D 152 -7.43 7.82 27.52
C TRP D 152 -8.46 8.26 28.55
N PHE D 153 -7.99 8.82 29.69
CA PHE D 153 -8.84 9.26 30.80
C PHE D 153 -8.57 10.71 31.24
N LEU D 154 -9.65 11.50 31.33
CA LEU D 154 -9.57 12.88 31.81
C LEU D 154 -10.33 12.97 33.14
N ASN D 155 -9.57 13.32 34.21
CA ASN D 155 -10.03 13.46 35.60
C ASN D 155 -10.84 12.22 36.06
N GLY D 156 -10.31 11.05 35.72
CA GLY D 156 -10.90 9.77 36.06
C GLY D 156 -11.99 9.26 35.13
N GLN D 157 -12.50 10.12 34.20
CA GLN D 157 -13.54 9.72 33.23
C GLN D 157 -12.91 9.51 31.84
N GLU D 158 -13.21 8.33 31.20
CA GLU D 158 -12.65 7.93 29.90
C GLU D 158 -13.05 8.82 28.72
N GLU D 159 -12.04 9.23 27.94
CA GLU D 159 -12.19 10.03 26.74
C GLU D 159 -12.20 9.06 25.55
N THR D 160 -13.36 8.94 24.91
CA THR D 160 -13.57 8.08 23.75
C THR D 160 -13.33 8.87 22.47
N ALA D 161 -13.96 10.06 22.36
CA ALA D 161 -13.82 10.95 21.22
C ALA D 161 -12.54 11.77 21.30
N GLY D 162 -12.01 12.13 20.13
CA GLY D 162 -10.81 12.96 19.99
C GLY D 162 -9.50 12.20 19.96
N VAL D 163 -9.56 10.84 19.84
CA VAL D 163 -8.38 9.98 19.81
C VAL D 163 -7.87 9.73 18.40
N VAL D 164 -6.71 10.33 18.07
CA VAL D 164 -6.02 10.18 16.79
C VAL D 164 -4.87 9.19 17.00
N SER D 165 -4.97 8.00 16.41
CA SER D 165 -3.97 6.93 16.52
C SER D 165 -3.26 6.67 15.18
N THR D 166 -2.05 6.14 15.25
CA THR D 166 -1.27 5.82 14.06
C THR D 166 -1.24 4.33 13.79
N ASN D 167 -2.13 3.60 14.45
CA ASN D 167 -2.22 2.15 14.28
C ASN D 167 -1.04 1.43 14.95
N LEU D 168 -0.86 0.16 14.59
CA LEU D 168 0.23 -0.64 15.15
C LEU D 168 1.46 -0.59 14.26
N ILE D 169 2.61 -0.33 14.87
CA ILE D 169 3.88 -0.25 14.13
C ILE D 169 4.80 -1.40 14.50
N ARG D 170 5.30 -2.12 13.48
CA ARG D 170 6.26 -3.21 13.61
C ARG D 170 7.63 -2.57 13.32
N ASN D 171 8.54 -2.58 14.34
CA ASN D 171 9.90 -2.05 14.29
C ASN D 171 10.91 -2.98 13.54
N GLY D 172 10.51 -4.25 13.31
CA GLY D 172 11.30 -5.27 12.63
C GLY D 172 12.52 -5.75 13.40
N ASP D 173 12.41 -5.74 14.72
CA ASP D 173 13.45 -6.19 15.62
C ASP D 173 12.83 -6.93 16.79
N TRP D 174 11.66 -7.59 16.52
CA TRP D 174 10.88 -8.37 17.47
C TRP D 174 10.19 -7.53 18.57
N THR D 175 10.10 -6.21 18.36
CA THR D 175 9.43 -5.22 19.22
C THR D 175 8.44 -4.41 18.37
N PHE D 176 7.34 -3.90 19.00
CA PHE D 176 6.33 -3.08 18.33
C PHE D 176 6.21 -1.71 19.03
N GLN D 177 5.60 -0.73 18.31
CA GLN D 177 5.29 0.60 18.85
C GLN D 177 3.92 1.11 18.38
N ILE D 178 3.35 2.04 19.14
CA ILE D 178 2.07 2.72 18.84
C ILE D 178 2.06 4.09 19.52
N LEU D 179 1.45 5.07 18.87
CA LEU D 179 1.32 6.44 19.37
C LEU D 179 -0.16 6.73 19.37
N VAL D 180 -0.73 6.94 20.57
CA VAL D 180 -2.14 7.24 20.71
C VAL D 180 -2.24 8.66 21.29
N MET D 181 -2.70 9.59 20.47
CA MET D 181 -2.82 10.98 20.92
C MET D 181 -4.25 11.51 21.03
N LEU D 182 -4.59 12.13 22.20
CA LEU D 182 -5.91 12.73 22.37
C LEU D 182 -5.91 14.22 22.16
N GLU D 183 -6.97 14.70 21.51
CA GLU D 183 -7.20 16.10 21.26
C GLU D 183 -7.64 16.66 22.61
N MET D 184 -6.93 17.70 23.07
CA MET D 184 -7.15 18.31 24.37
C MET D 184 -6.97 19.80 24.45
N THR D 185 -7.87 20.40 25.23
CA THR D 185 -7.91 21.80 25.62
C THR D 185 -7.73 21.69 27.16
N PRO D 186 -6.47 21.67 27.64
CA PRO D 186 -6.24 21.49 29.08
C PRO D 186 -6.37 22.74 29.95
N GLN D 187 -6.99 22.57 31.13
CA GLN D 187 -7.18 23.60 32.16
C GLN D 187 -6.16 23.30 33.27
N GLN D 188 -5.67 24.34 33.99
CA GLN D 188 -4.68 24.18 35.08
C GLN D 188 -5.27 23.30 36.20
N GLY D 189 -4.63 22.13 36.41
CA GLY D 189 -5.03 21.14 37.40
C GLY D 189 -5.75 19.93 36.86
N ASP D 190 -5.72 19.72 35.51
CA ASP D 190 -6.34 18.58 34.83
C ASP D 190 -5.41 17.40 34.83
N VAL D 191 -5.94 16.21 35.13
CA VAL D 191 -5.13 14.99 35.14
C VAL D 191 -5.58 14.06 34.03
N TYR D 192 -4.67 13.87 33.07
CA TYR D 192 -4.80 13.03 31.89
C TYR D 192 -4.08 11.71 32.16
N THR D 193 -4.80 10.59 32.00
CA THR D 193 -4.26 9.25 32.26
C THR D 193 -4.31 8.35 31.02
N CYS D 194 -3.14 7.77 30.67
CA CYS D 194 -3.00 6.83 29.56
C CYS D 194 -2.90 5.45 30.17
N GLN D 195 -3.93 4.62 29.94
CA GLN D 195 -4.04 3.25 30.45
C GLN D 195 -3.72 2.18 29.40
N VAL D 196 -2.60 1.44 29.60
CA VAL D 196 -2.15 0.39 28.67
C VAL D 196 -2.33 -1.06 29.13
N GLU D 197 -2.93 -1.87 28.25
CA GLU D 197 -3.22 -3.30 28.45
C GLU D 197 -2.49 -4.18 27.43
N HIS D 198 -1.65 -5.08 27.96
CA HIS D 198 -0.82 -6.03 27.21
C HIS D 198 -0.66 -7.31 28.03
N THR D 199 -0.49 -8.47 27.35
CA THR D 199 -0.32 -9.81 27.96
C THR D 199 0.92 -10.00 28.86
N SER D 200 1.95 -9.17 28.64
CA SER D 200 3.18 -9.15 29.40
C SER D 200 2.98 -8.53 30.78
N LEU D 201 1.78 -7.94 31.00
CA LEU D 201 1.34 -7.25 32.21
C LEU D 201 0.20 -8.02 32.92
N ASP D 202 0.33 -8.24 34.25
CA ASP D 202 -0.71 -8.92 35.04
C ASP D 202 -1.88 -7.95 35.29
N SER D 203 -1.53 -6.66 35.56
CA SER D 203 -2.48 -5.56 35.80
C SER D 203 -2.16 -4.37 34.87
N PRO D 204 -3.20 -3.64 34.34
CA PRO D 204 -2.94 -2.51 33.43
C PRO D 204 -2.11 -1.38 34.02
N VAL D 205 -1.19 -0.86 33.19
CA VAL D 205 -0.24 0.21 33.50
C VAL D 205 -0.82 1.58 33.18
N THR D 206 -0.62 2.51 34.10
CA THR D 206 -1.07 3.90 33.96
C THR D 206 0.07 4.91 34.10
N VAL D 207 0.02 5.95 33.29
CA VAL D 207 0.97 7.07 33.26
C VAL D 207 0.12 8.33 33.26
N GLU D 208 0.33 9.19 34.28
CA GLU D 208 -0.42 10.44 34.47
C GLU D 208 0.32 11.67 33.98
N TRP D 209 -0.44 12.67 33.51
CA TRP D 209 0.07 13.94 33.03
C TRP D 209 -0.67 15.06 33.77
N LYS D 210 0.09 15.94 34.46
CA LYS D 210 -0.46 17.09 35.19
C LYS D 210 -0.33 18.31 34.27
N ALA D 211 -1.36 19.20 34.24
CA ALA D 211 -1.38 20.40 33.39
C ALA D 211 -0.18 21.36 33.55
N GLN D 212 0.07 21.88 34.78
CA GLN D 212 1.16 22.81 35.16
C GLN D 212 1.13 24.14 34.41
C1 NAG E . -21.21 2.36 8.96
C2 NAG E . -20.84 1.06 9.67
C3 NAG E . -22.14 0.30 9.97
C4 NAG E . -23.05 1.13 10.87
C5 NAG E . -23.34 2.49 10.22
C6 NAG E . -23.97 3.47 11.16
C7 NAG E . -18.57 0.43 8.82
C8 NAG E . -17.48 -0.41 9.44
N2 NAG E . -19.82 0.12 9.21
O3 NAG E . -21.86 -0.95 10.60
O4 NAG E . -24.28 0.43 11.06
O5 NAG E . -22.10 3.11 9.80
O6 NAG E . -22.99 4.15 11.95
O7 NAG E . -18.33 1.30 8.01
C1 NAG F . -15.69 -26.67 -0.52
C2 NAG F . -15.92 -27.00 0.97
C3 NAG F . -15.26 -28.36 1.15
C4 NAG F . -15.89 -29.41 0.24
C5 NAG F . -15.89 -28.95 -1.23
C6 NAG F . -16.73 -29.82 -2.13
C7 NAG F . -15.95 -25.61 3.01
C8 NAG F . -15.15 -24.70 3.90
N2 NAG F . -15.35 -26.02 1.88
O3 NAG F . -15.35 -28.77 2.51
O4 NAG F . -15.15 -30.62 0.37
O5 NAG F . -16.41 -27.61 -1.34
O6 NAG F . -16.59 -29.42 -3.49
O7 NAG F . -17.09 -25.97 3.32
C1 NAG G . 22.38 0.01 -7.05
C2 NAG G . 21.84 0.36 -8.45
C3 NAG G . 22.82 -0.17 -9.52
C4 NAG G . 24.22 0.40 -9.28
C5 NAG G . 24.70 0.00 -7.87
C6 NAG G . 26.03 0.60 -7.49
C7 NAG G . 19.34 0.23 -8.16
C8 NAG G . 18.15 0.80 -8.89
N2 NAG G . 20.47 0.12 -8.90
O3 NAG G . 22.37 0.16 -10.82
O4 NAG G . 25.14 -0.11 -10.25
O5 NAG G . 23.74 0.44 -6.90
O6 NAG G . 25.94 1.99 -7.17
O7 NAG G . 19.26 -0.14 -6.99
C1 NAG H . 4.85 -19.08 -25.63
C2 NAG H . 3.39 -19.21 -25.23
C3 NAG H . 2.75 -20.28 -26.12
C4 NAG H . 2.91 -19.91 -27.59
C5 NAG H . 4.37 -19.64 -27.94
C6 NAG H . 4.53 -19.04 -29.33
C7 NAG H . 3.26 -18.62 -22.80
C8 NAG H . 3.09 -19.17 -21.42
N2 NAG H . 3.21 -19.53 -23.82
O3 NAG H . 1.37 -20.44 -25.80
O4 NAG H . 2.38 -20.96 -28.41
O5 NAG H . 4.93 -18.69 -27.02
O6 NAG H . 5.89 -18.72 -29.63
O7 NAG H . 3.47 -17.43 -23.01
#